data_7N3T
#
_entry.id   7N3T
#
_cell.length_a   42.203
_cell.length_b   205.695
_cell.length_c   72.569
_cell.angle_alpha   90.000
_cell.angle_beta   106.422
_cell.angle_gamma   90.000
#
_symmetry.space_group_name_H-M   'P 1 21 1'
#
loop_
_entity.id
_entity.type
_entity.pdbx_description
1 polymer 'High affinity nerve growth factor receptor'
2 polymer 'Designed TrkA-binding miniprotein'
3 branched beta-D-mannopyranose-(1-4)-2-acetamido-2-deoxy-beta-D-glucopyranose-(1-4)-2-acetamido-2-deoxy-beta-D-glucopyranose
4 branched 2-acetamido-2-deoxy-beta-D-glucopyranose-(1-4)-2-acetamido-2-deoxy-beta-D-glucopyranose
5 non-polymer 2-acetamido-2-deoxy-beta-D-glucopyranose
6 non-polymer 1,2-ETHANEDIOL
7 non-polymer 'SULFATE ION'
8 water water
#
loop_
_entity_poly.entity_id
_entity_poly.type
_entity_poly.pdbx_seq_one_letter_code
_entity_poly.pdbx_strand_id
1 'polypeptide(L)'
;SCPDACCPHGSSGLRCTRDGALDSLHHLPGAENLTELYIENQQHLQHLELRDLRGLGELRNLTIVKSGLRFVAPDAFHFT
PRLSRLNLSFNALESLSWKTVQGLSLQELVLSGNPLHCSCALRWLQRWEEEGLGGVPEQKLQCHGQGPLAHMPNASCGVP
TLKVQVPNASVDVGDDVLLRCQVEGRGLEQAGWILTELEQSATVMKSGGLPSLGLTLANVTSDLNRKNLTCWAENDVGRA
EVSVQVNVSFPASVQLHTAVEMHHWCIPFSVDGQPAPSLRWLFNGSVLNETSFIFTEFLEPAANETVRHGCLRLNQPTHV
NNGNYTLLAANPFGQASASIMAAFMDNPAAAHHHHHHHH
;
A,B
2 'polypeptide(L)'
;MSHHHHHHHHSENLYFQSGGGRDEIKERIFKAVVRAIVTGNPEQLKEAKKLLEKLKKLGRLDQDAKKFEKAIRQVEKRLR
S
;
C,D
#
# COMPACT_ATOMS: atom_id res chain seq x y z
N SER A 1 24.15 -49.57 -37.93
CA SER A 1 24.53 -50.31 -39.13
C SER A 1 23.30 -50.97 -39.77
N CYS A 2 23.24 -50.92 -41.10
CA CYS A 2 22.09 -51.37 -41.87
C CYS A 2 22.56 -51.56 -43.31
N PRO A 3 21.82 -52.36 -44.14
CA PRO A 3 22.35 -52.70 -45.48
C PRO A 3 22.17 -51.60 -46.54
N ASP A 4 21.93 -50.38 -46.10
CA ASP A 4 21.83 -49.21 -46.98
C ASP A 4 23.01 -48.28 -46.74
N ALA A 5 23.29 -47.44 -47.73
CA ALA A 5 24.32 -46.43 -47.56
C ALA A 5 23.99 -45.49 -46.41
N CYS A 6 22.69 -45.27 -46.15
CA CYS A 6 22.22 -44.38 -45.09
C CYS A 6 21.43 -45.18 -44.06
N CYS A 7 21.75 -44.97 -42.80
CA CYS A 7 21.06 -45.65 -41.71
C CYS A 7 20.48 -44.63 -40.74
N PRO A 8 19.21 -44.79 -40.36
CA PRO A 8 18.61 -43.86 -39.39
C PRO A 8 19.33 -43.96 -38.06
N HIS A 9 19.38 -42.82 -37.37
CA HIS A 9 20.08 -42.67 -36.12
C HIS A 9 19.25 -41.81 -35.20
N GLY A 10 18.92 -42.34 -34.02
CA GLY A 10 18.09 -41.55 -33.13
C GLY A 10 16.67 -41.45 -33.65
N SER A 11 15.98 -40.40 -33.18
CA SER A 11 14.59 -40.23 -33.56
C SER A 11 14.42 -39.61 -34.93
N SER A 12 15.35 -38.74 -35.33
CA SER A 12 15.15 -37.99 -36.56
C SER A 12 16.49 -37.73 -37.26
N GLY A 13 17.42 -38.67 -37.18
CA GLY A 13 18.70 -38.50 -37.83
C GLY A 13 19.01 -39.55 -38.87
N LEU A 14 19.94 -39.23 -39.76
CA LEU A 14 20.37 -40.16 -40.78
C LEU A 14 21.89 -40.03 -40.91
N ARG A 15 22.59 -41.15 -40.86
CA ARG A 15 24.05 -41.16 -41.00
C ARG A 15 24.39 -42.00 -42.23
N CYS A 16 25.13 -41.43 -43.17
CA CYS A 16 25.46 -42.09 -44.44
C CYS A 16 26.98 -42.20 -44.61
N THR A 17 27.49 -43.42 -44.65
CA THR A 17 28.93 -43.67 -44.62
C THR A 17 29.50 -44.22 -45.92
N ARG A 18 28.66 -44.45 -46.94
CA ARG A 18 29.12 -44.97 -48.21
C ARG A 18 28.46 -44.18 -49.33
N ASP A 19 28.98 -44.41 -50.53
CA ASP A 19 28.50 -43.65 -51.69
C ASP A 19 27.04 -43.94 -51.92
N GLY A 20 26.34 -42.95 -52.47
CA GLY A 20 24.93 -43.06 -52.74
C GLY A 20 24.04 -42.46 -51.70
N ALA A 21 24.57 -41.59 -50.84
CA ALA A 21 23.75 -41.01 -49.78
C ALA A 21 22.54 -40.30 -50.35
N LEU A 22 22.74 -39.48 -51.37
CA LEU A 22 21.63 -38.67 -51.87
C LEU A 22 20.52 -39.54 -52.43
N ASP A 23 20.88 -40.61 -53.18
CA ASP A 23 19.84 -41.49 -53.69
C ASP A 23 19.11 -42.14 -52.53
N SER A 24 19.85 -42.64 -51.54
CA SER A 24 19.23 -43.31 -50.41
C SER A 24 18.31 -42.36 -49.64
N LEU A 25 18.80 -41.13 -49.42
CA LEU A 25 18.05 -40.10 -48.71
C LEU A 25 16.68 -39.88 -49.34
N HIS A 26 16.65 -39.80 -50.68
CA HIS A 26 15.42 -39.48 -51.39
C HIS A 26 14.53 -40.67 -51.60
N HIS A 27 14.93 -41.86 -51.15
CA HIS A 27 14.04 -43.01 -51.11
C HIS A 27 13.55 -43.34 -49.71
N LEU A 28 13.82 -42.47 -48.74
CA LEU A 28 13.50 -42.73 -47.34
C LEU A 28 12.15 -42.13 -46.98
N PRO A 29 11.12 -42.92 -46.73
CA PRO A 29 9.84 -42.34 -46.29
C PRO A 29 10.03 -41.56 -44.99
N GLY A 30 9.53 -40.33 -44.96
CA GLY A 30 9.67 -39.49 -43.80
C GLY A 30 10.95 -38.70 -43.76
N ALA A 31 11.76 -38.72 -44.82
CA ALA A 31 12.99 -37.94 -44.82
C ALA A 31 12.74 -36.45 -44.60
N GLU A 32 11.54 -35.96 -44.96
CA GLU A 32 11.22 -34.55 -44.74
C GLU A 32 11.20 -34.20 -43.26
N ASN A 33 11.12 -35.18 -42.37
CA ASN A 33 11.14 -34.96 -40.94
C ASN A 33 12.52 -35.08 -40.33
N LEU A 34 13.55 -35.43 -41.11
CA LEU A 34 14.89 -35.54 -40.55
C LEU A 34 15.35 -34.20 -39.99
N THR A 35 15.94 -34.24 -38.81
CA THR A 35 16.51 -33.02 -38.25
C THR A 35 18.02 -33.00 -38.25
N GLU A 36 18.67 -34.16 -38.42
CA GLU A 36 20.12 -34.24 -38.57
C GLU A 36 20.46 -35.17 -39.73
N LEU A 37 21.47 -34.75 -40.49
CA LEU A 37 21.97 -35.52 -41.61
C LEU A 37 23.51 -35.42 -41.61
N TYR A 38 24.17 -36.57 -41.50
CA TYR A 38 25.62 -36.72 -41.60
C TYR A 38 25.94 -37.54 -42.86
N ILE A 39 26.86 -37.03 -43.68
CA ILE A 39 27.22 -37.66 -44.96
C ILE A 39 28.73 -37.65 -45.11
N GLU A 40 29.29 -38.81 -45.46
CA GLU A 40 30.72 -38.88 -45.70
C GLU A 40 31.03 -39.85 -46.85
N ASN A 41 32.22 -39.68 -47.44
CA ASN A 41 32.80 -40.63 -48.37
C ASN A 41 31.98 -40.73 -49.65
N GLN A 42 31.34 -39.66 -50.07
CA GLN A 42 30.67 -39.73 -51.35
C GLN A 42 31.71 -39.64 -52.46
N GLN A 43 31.44 -40.32 -53.57
CA GLN A 43 32.38 -40.37 -54.69
C GLN A 43 31.91 -39.58 -55.90
N HIS A 44 30.66 -39.13 -55.91
CA HIS A 44 30.15 -38.34 -57.02
C HIS A 44 29.45 -37.10 -56.52
N LEU A 45 30.06 -36.47 -55.53
CA LEU A 45 29.53 -35.25 -54.95
C LEU A 45 30.46 -34.08 -55.20
N GLN A 46 30.88 -33.87 -56.45
CA GLN A 46 31.70 -32.70 -56.78
C GLN A 46 30.87 -31.42 -56.63
N HIS A 47 29.57 -31.49 -56.93
CA HIS A 47 28.66 -30.37 -56.85
C HIS A 47 27.52 -30.70 -55.90
N LEU A 48 27.12 -29.71 -55.12
CA LEU A 48 25.92 -29.76 -54.31
C LEU A 48 24.95 -28.76 -54.93
N GLU A 49 23.83 -29.26 -55.46
CA GLU A 49 22.91 -28.46 -56.26
C GLU A 49 21.61 -28.25 -55.49
N LEU A 50 20.80 -27.31 -55.98
CA LEU A 50 19.54 -26.97 -55.32
C LEU A 50 18.69 -28.21 -55.02
N ARG A 51 18.54 -29.10 -56.00
CA ARG A 51 17.64 -30.25 -55.84
C ARG A 51 18.18 -31.31 -54.87
N ASP A 52 19.47 -31.27 -54.51
CA ASP A 52 20.04 -32.39 -53.77
C ASP A 52 19.46 -32.51 -52.36
N LEU A 53 19.12 -31.39 -51.72
CA LEU A 53 18.55 -31.39 -50.38
C LEU A 53 17.04 -31.08 -50.40
N ARG A 54 16.39 -31.27 -51.55
CA ARG A 54 14.97 -30.94 -51.65
C ARG A 54 14.18 -31.68 -50.58
N GLY A 55 13.19 -30.99 -50.01
CA GLY A 55 12.29 -31.60 -49.05
C GLY A 55 12.79 -31.70 -47.63
N LEU A 56 14.07 -31.42 -47.35
CA LEU A 56 14.62 -31.57 -46.01
C LEU A 56 14.36 -30.31 -45.17
N GLY A 57 13.08 -29.95 -45.07
CA GLY A 57 12.73 -28.71 -44.42
C GLY A 57 13.03 -28.67 -42.93
N GLU A 58 13.04 -29.82 -42.26
CA GLU A 58 13.25 -29.79 -40.81
C GLU A 58 14.70 -29.90 -40.42
N LEU A 59 15.60 -29.89 -41.38
CA LEU A 59 16.99 -30.15 -41.10
C LEU A 59 17.59 -28.99 -40.30
N ARG A 60 18.18 -29.31 -39.13
CA ARG A 60 18.91 -28.37 -38.32
C ARG A 60 20.42 -28.59 -38.38
N ASN A 61 20.88 -29.85 -38.42
CA ASN A 61 22.31 -30.16 -38.46
C ASN A 61 22.64 -30.87 -39.75
N LEU A 62 23.58 -30.32 -40.52
CA LEU A 62 23.99 -30.95 -41.76
C LEU A 62 25.50 -31.05 -41.77
N THR A 63 25.99 -32.26 -41.99
CA THR A 63 27.41 -32.50 -42.13
C THR A 63 27.67 -33.26 -43.42
N ILE A 64 28.57 -32.73 -44.25
CA ILE A 64 29.02 -33.36 -45.48
C ILE A 64 30.54 -33.25 -45.48
N VAL A 65 31.23 -34.33 -45.16
CA VAL A 65 32.67 -34.33 -45.00
C VAL A 65 33.29 -35.43 -45.84
N LYS A 66 34.56 -35.23 -46.18
CA LYS A 66 35.35 -36.29 -46.85
C LYS A 66 34.66 -36.81 -48.11
N SER A 67 34.11 -35.88 -48.92
CA SER A 67 33.31 -36.25 -50.10
C SER A 67 33.73 -35.52 -51.36
N GLY A 68 34.93 -34.92 -51.36
CA GLY A 68 35.43 -34.25 -52.54
C GLY A 68 34.53 -33.14 -53.03
N LEU A 69 33.74 -32.55 -52.13
CA LEU A 69 32.84 -31.48 -52.52
C LEU A 69 33.65 -30.27 -53.00
N ARG A 70 33.39 -29.83 -54.25
CA ARG A 70 34.14 -28.71 -54.84
C ARG A 70 33.32 -27.47 -55.06
N PHE A 71 32.03 -27.60 -55.41
CA PHE A 71 31.20 -26.48 -55.82
C PHE A 71 29.86 -26.59 -55.12
N VAL A 72 29.52 -25.58 -54.33
CA VAL A 72 28.25 -25.49 -53.64
C VAL A 72 27.43 -24.43 -54.34
N ALA A 73 26.32 -24.86 -54.95
CA ALA A 73 25.46 -23.94 -55.66
C ALA A 73 24.98 -22.85 -54.70
N PRO A 74 24.87 -21.59 -55.15
CA PRO A 74 24.47 -20.52 -54.22
C PRO A 74 23.12 -20.78 -53.57
N ASP A 75 22.25 -21.55 -54.23
CA ASP A 75 20.96 -21.91 -53.71
C ASP A 75 20.93 -23.35 -53.21
N ALA A 76 22.09 -23.92 -52.88
CA ALA A 76 22.13 -25.31 -52.47
C ALA A 76 21.37 -25.54 -51.17
N PHE A 77 21.22 -24.50 -50.33
CA PHE A 77 20.52 -24.68 -49.06
C PHE A 77 19.17 -23.98 -49.03
N HIS A 78 18.59 -23.70 -50.20
CA HIS A 78 17.26 -23.11 -50.27
C HIS A 78 16.21 -24.00 -49.61
N PHE A 79 16.31 -25.32 -49.79
CA PHE A 79 15.33 -26.24 -49.23
C PHE A 79 15.63 -26.63 -47.79
N THR A 80 16.67 -26.06 -47.17
CA THR A 80 17.00 -26.35 -45.78
C THR A 80 17.02 -25.06 -44.99
N PRO A 81 15.89 -24.34 -44.91
CA PRO A 81 15.94 -22.99 -44.34
C PRO A 81 16.16 -22.99 -42.85
N ARG A 82 15.94 -24.10 -42.14
CA ARG A 82 16.09 -24.14 -40.69
C ARG A 82 17.50 -24.58 -40.27
N LEU A 83 18.39 -24.75 -41.22
CA LEU A 83 19.73 -25.19 -40.91
C LEU A 83 20.42 -24.21 -39.96
N SER A 84 20.95 -24.73 -38.87
CA SER A 84 21.67 -23.92 -37.91
C SER A 84 23.08 -24.40 -37.65
N ARG A 85 23.43 -25.64 -38.02
CA ARG A 85 24.81 -26.15 -37.93
C ARG A 85 25.16 -26.80 -39.26
N LEU A 86 26.20 -26.29 -39.90
CA LEU A 86 26.60 -26.71 -41.23
C LEU A 86 28.10 -27.00 -41.20
N ASN A 87 28.48 -28.26 -41.44
CA ASN A 87 29.88 -28.69 -41.38
C ASN A 87 30.25 -29.24 -42.75
N LEU A 88 31.09 -28.52 -43.49
CA LEU A 88 31.53 -28.95 -44.81
C LEU A 88 33.04 -29.20 -44.83
N SER A 89 33.60 -29.58 -43.70
CA SER A 89 35.05 -29.74 -43.60
C SER A 89 35.57 -30.92 -44.42
N PHE A 90 36.86 -30.87 -44.73
CA PHE A 90 37.59 -31.98 -45.35
C PHE A 90 37.01 -32.36 -46.71
N ASN A 91 36.71 -31.35 -47.50
CA ASN A 91 36.27 -31.49 -48.87
C ASN A 91 37.36 -30.93 -49.80
N ALA A 92 36.98 -30.49 -51.00
CA ALA A 92 37.91 -29.86 -51.93
C ALA A 92 37.45 -28.46 -52.28
N LEU A 93 36.80 -27.77 -51.35
CA LEU A 93 36.24 -26.46 -51.64
C LEU A 93 37.34 -25.41 -51.75
N GLU A 94 37.47 -24.81 -52.93
CA GLU A 94 38.39 -23.68 -53.05
C GLU A 94 37.69 -22.34 -52.85
N SER A 95 36.36 -22.30 -52.90
CA SER A 95 35.62 -21.06 -52.73
C SER A 95 34.23 -21.37 -52.23
N LEU A 96 33.57 -20.34 -51.69
CA LEU A 96 32.23 -20.54 -51.16
C LEU A 96 31.51 -19.21 -51.25
N SER A 97 30.42 -19.17 -51.99
CA SER A 97 29.74 -17.90 -52.19
C SER A 97 29.02 -17.49 -50.91
N TRP A 98 29.03 -16.18 -50.64
CA TRP A 98 28.22 -15.66 -49.55
C TRP A 98 26.74 -16.01 -49.73
N LYS A 99 26.30 -16.24 -50.97
CA LYS A 99 24.89 -16.57 -51.19
C LYS A 99 24.51 -17.91 -50.56
N THR A 100 25.46 -18.85 -50.41
CA THR A 100 25.10 -20.19 -49.93
C THR A 100 24.48 -20.14 -48.54
N VAL A 101 25.00 -19.28 -47.65
CA VAL A 101 24.53 -19.22 -46.27
C VAL A 101 23.66 -18.01 -46.00
N GLN A 102 23.44 -17.16 -46.98
CA GLN A 102 22.59 -15.98 -46.77
C GLN A 102 21.20 -16.39 -46.32
N GLY A 103 20.73 -15.79 -45.23
CA GLY A 103 19.41 -16.13 -44.75
C GLY A 103 19.36 -17.30 -43.80
N LEU A 104 20.45 -18.03 -43.66
CA LEU A 104 20.52 -19.06 -42.63
C LEU A 104 20.90 -18.41 -41.31
N SER A 105 20.37 -18.94 -40.22
CA SER A 105 20.83 -18.54 -38.88
C SER A 105 21.80 -19.59 -38.39
N LEU A 106 23.03 -19.53 -38.91
CA LEU A 106 24.02 -20.56 -38.62
C LEU A 106 24.74 -20.26 -37.32
N GLN A 107 24.58 -21.13 -36.33
CA GLN A 107 25.43 -21.08 -35.16
C GLN A 107 26.82 -21.65 -35.43
N GLU A 108 26.96 -22.45 -36.48
CA GLU A 108 28.21 -23.15 -36.70
C GLU A 108 28.41 -23.29 -38.19
N LEU A 109 29.55 -22.84 -38.68
CA LEU A 109 29.92 -23.06 -40.07
C LEU A 109 31.36 -23.60 -40.07
N VAL A 110 31.53 -24.88 -40.40
CA VAL A 110 32.82 -25.53 -40.29
C VAL A 110 33.40 -25.70 -41.68
N LEU A 111 34.57 -25.10 -41.93
CA LEU A 111 35.19 -25.20 -43.24
C LEU A 111 36.63 -25.72 -43.15
N SER A 112 37.03 -26.28 -42.01
CA SER A 112 38.38 -26.79 -41.84
C SER A 112 38.76 -27.78 -42.93
N GLY A 113 40.05 -27.85 -43.24
CA GLY A 113 40.54 -28.84 -44.15
C GLY A 113 40.10 -28.69 -45.59
N ASN A 114 39.75 -27.51 -45.99
CA ASN A 114 39.48 -27.22 -47.37
C ASN A 114 40.54 -26.29 -47.93
N PRO A 115 40.94 -26.47 -49.19
CA PRO A 115 41.96 -25.61 -49.84
C PRO A 115 41.36 -24.27 -50.26
N LEU A 116 40.91 -23.48 -49.28
CA LEU A 116 40.26 -22.22 -49.56
C LEU A 116 41.19 -21.28 -50.31
N HIS A 117 40.69 -20.73 -51.41
CA HIS A 117 41.45 -19.73 -52.16
C HIS A 117 40.94 -18.34 -51.77
N CYS A 118 41.83 -17.51 -51.26
CA CYS A 118 41.33 -16.22 -50.83
C CYS A 118 41.15 -15.31 -52.02
N SER A 119 40.09 -14.52 -51.97
CA SER A 119 39.77 -13.52 -52.98
C SER A 119 38.67 -12.67 -52.37
N CYS A 120 38.20 -11.69 -53.14
CA CYS A 120 37.12 -10.88 -52.59
C CYS A 120 35.86 -11.70 -52.34
N ALA A 121 35.72 -12.84 -53.01
CA ALA A 121 34.58 -13.71 -52.77
C ALA A 121 34.66 -14.43 -51.43
N LEU A 122 35.74 -14.26 -50.67
CA LEU A 122 35.86 -14.86 -49.34
C LEU A 122 35.84 -13.80 -48.24
N ARG A 123 35.61 -12.55 -48.61
CA ARG A 123 35.59 -11.45 -47.65
C ARG A 123 34.48 -11.65 -46.62
N TRP A 124 33.35 -12.19 -47.04
CA TRP A 124 32.25 -12.43 -46.10
C TRP A 124 32.68 -13.38 -44.99
N LEU A 125 33.50 -14.37 -45.31
CA LEU A 125 33.94 -15.32 -44.30
C LEU A 125 34.94 -14.65 -43.36
N GLN A 126 35.80 -13.80 -43.92
CA GLN A 126 36.65 -12.99 -43.09
C GLN A 126 35.84 -12.14 -42.13
N ARG A 127 34.71 -11.58 -42.58
CA ARG A 127 33.88 -10.80 -41.67
C ARG A 127 33.33 -11.67 -40.55
N TRP A 128 32.87 -12.88 -40.87
CA TRP A 128 32.43 -13.79 -39.82
C TRP A 128 33.54 -14.03 -38.80
N GLU A 129 34.77 -14.18 -39.27
CA GLU A 129 35.88 -14.36 -38.33
C GLU A 129 36.07 -13.11 -37.49
N GLU A 130 36.06 -11.95 -38.14
CA GLU A 130 36.13 -10.68 -37.43
C GLU A 130 35.04 -10.55 -36.37
N GLU A 131 33.81 -10.95 -36.69
CA GLU A 131 32.68 -10.71 -35.79
C GLU A 131 32.39 -11.87 -34.86
N GLY A 132 33.23 -12.90 -34.88
CA GLY A 132 33.09 -14.05 -33.99
C GLY A 132 31.89 -14.93 -34.30
N LEU A 133 31.58 -15.14 -35.56
CA LEU A 133 30.39 -15.85 -35.98
C LEU A 133 30.70 -17.28 -36.40
N GLY A 134 29.72 -18.15 -36.20
CA GLY A 134 29.74 -19.49 -36.76
C GLY A 134 30.85 -20.36 -36.26
N GLY A 135 31.43 -20.05 -35.12
CA GLY A 135 32.60 -20.81 -34.68
C GLY A 135 33.77 -20.71 -35.63
N VAL A 136 33.80 -19.67 -36.46
CA VAL A 136 34.85 -19.54 -37.48
C VAL A 136 36.20 -19.17 -36.87
N PRO A 137 36.29 -18.25 -35.88
CA PRO A 137 37.63 -17.93 -35.33
C PRO A 137 38.41 -19.15 -34.87
N GLU A 138 37.76 -20.09 -34.18
CA GLU A 138 38.51 -21.24 -33.64
C GLU A 138 39.11 -22.11 -34.74
N GLN A 139 38.57 -22.05 -35.93
CA GLN A 139 39.11 -22.84 -37.03
C GLN A 139 40.43 -22.29 -37.56
N LYS A 140 40.73 -21.01 -37.36
CA LYS A 140 41.96 -20.42 -37.88
C LYS A 140 42.15 -20.78 -39.35
N LEU A 141 41.14 -20.48 -40.14
CA LEU A 141 41.15 -20.87 -41.55
C LEU A 141 42.29 -20.18 -42.27
N GLN A 142 42.77 -20.83 -43.33
CA GLN A 142 43.94 -20.38 -44.07
C GLN A 142 43.58 -20.15 -45.54
N CYS A 143 44.23 -19.14 -46.13
CA CYS A 143 44.24 -18.97 -47.58
C CYS A 143 45.27 -19.97 -48.07
N HIS A 144 44.85 -20.93 -48.91
CA HIS A 144 45.68 -22.10 -49.17
C HIS A 144 47.09 -21.74 -49.67
N GLY A 145 47.19 -20.96 -50.72
CA GLY A 145 48.56 -20.62 -51.11
C GLY A 145 49.21 -19.46 -50.39
N GLN A 146 48.49 -18.83 -49.44
CA GLN A 146 48.94 -17.62 -48.76
C GLN A 146 48.92 -17.81 -47.24
N GLY A 147 48.61 -16.76 -46.50
CA GLY A 147 48.58 -16.83 -45.05
C GLY A 147 47.19 -17.05 -44.48
N PRO A 148 46.98 -16.69 -43.22
CA PRO A 148 45.67 -16.89 -42.60
C PRO A 148 44.60 -15.95 -43.16
N LEU A 149 43.37 -16.45 -43.10
CA LEU A 149 42.22 -15.64 -43.49
C LEU A 149 42.17 -14.32 -42.70
N ALA A 150 42.54 -14.35 -41.42
CA ALA A 150 42.50 -13.13 -40.62
C ALA A 150 43.43 -12.04 -41.16
N HIS A 151 44.31 -12.36 -42.11
CA HIS A 151 45.19 -11.34 -42.68
C HIS A 151 45.02 -11.16 -44.17
N MET A 152 43.97 -11.73 -44.77
CA MET A 152 43.72 -11.55 -46.19
C MET A 152 43.57 -10.05 -46.51
N PRO A 153 44.41 -9.50 -47.39
CA PRO A 153 44.20 -8.09 -47.77
C PRO A 153 42.81 -7.88 -48.38
N ASN A 154 42.21 -6.72 -48.12
CA ASN A 154 40.81 -6.62 -48.51
C ASN A 154 40.39 -5.21 -48.92
N ALA A 155 41.36 -4.33 -49.23
CA ALA A 155 41.05 -2.94 -49.55
C ALA A 155 40.13 -2.82 -50.77
N SER A 156 40.20 -3.74 -51.70
CA SER A 156 39.38 -3.64 -52.90
C SER A 156 38.06 -4.41 -52.76
N CYS A 157 37.81 -5.02 -51.61
CA CYS A 157 36.62 -5.84 -51.39
C CYS A 157 35.55 -5.05 -50.67
N GLY A 158 34.41 -4.91 -51.32
CA GLY A 158 33.33 -4.27 -50.61
C GLY A 158 31.98 -4.62 -51.17
N VAL A 159 31.02 -4.80 -50.26
CA VAL A 159 29.63 -4.94 -50.66
C VAL A 159 29.22 -3.60 -51.28
N PRO A 160 28.13 -3.56 -52.07
CA PRO A 160 27.66 -2.28 -52.60
C PRO A 160 27.29 -1.34 -51.46
N THR A 161 27.36 -0.04 -51.74
CA THR A 161 26.91 0.98 -50.80
C THR A 161 25.64 1.60 -51.38
N LEU A 162 24.69 1.92 -50.52
CA LEU A 162 23.38 2.34 -50.97
C LEU A 162 23.07 3.64 -50.29
N LYS A 163 22.32 4.49 -50.99
CA LYS A 163 21.69 5.69 -50.44
C LYS A 163 20.26 5.72 -50.95
N VAL A 164 19.30 5.79 -50.03
CA VAL A 164 17.89 5.84 -50.39
C VAL A 164 17.40 7.26 -50.19
N GLN A 165 16.82 7.83 -51.20
CA GLN A 165 16.29 9.18 -51.12
C GLN A 165 14.80 9.05 -50.81
N VAL A 166 14.38 9.63 -49.69
CA VAL A 166 12.98 9.52 -49.24
C VAL A 166 12.47 10.93 -48.97
N PRO A 167 11.16 11.13 -48.99
CA PRO A 167 10.64 12.42 -48.55
C PRO A 167 11.00 12.65 -47.08
N ASN A 168 11.44 13.86 -46.80
CA ASN A 168 11.64 14.31 -45.42
C ASN A 168 10.31 14.38 -44.67
N ALA A 169 9.30 15.00 -45.29
CA ALA A 169 8.03 15.30 -44.65
C ALA A 169 7.02 14.16 -44.80
N SER A 170 6.01 14.18 -43.95
CA SER A 170 4.89 13.27 -44.13
C SER A 170 4.10 13.63 -45.38
N VAL A 171 3.34 12.66 -45.87
CA VAL A 171 2.47 12.86 -47.02
C VAL A 171 1.01 12.64 -46.61
N ASP A 172 0.11 12.96 -47.52
CA ASP A 172 -1.32 12.78 -47.32
C ASP A 172 -1.83 11.55 -48.07
N VAL A 173 -2.97 11.02 -47.61
CA VAL A 173 -3.63 9.94 -48.33
C VAL A 173 -3.93 10.39 -49.76
N GLY A 174 -3.59 9.55 -50.73
CA GLY A 174 -3.81 9.88 -52.14
C GLY A 174 -2.60 10.50 -52.85
N ASP A 175 -1.59 10.93 -52.10
CA ASP A 175 -0.37 11.46 -52.71
C ASP A 175 0.39 10.37 -53.46
N ASP A 176 1.27 10.82 -54.34
CA ASP A 176 2.29 10.00 -54.98
C ASP A 176 3.63 10.29 -54.29
N VAL A 177 4.32 9.23 -53.88
CA VAL A 177 5.59 9.35 -53.18
C VAL A 177 6.72 8.80 -54.04
N LEU A 178 7.76 9.62 -54.24
CA LEU A 178 8.95 9.24 -55.01
C LEU A 178 10.07 8.86 -54.05
N LEU A 179 10.64 7.69 -54.25
CA LEU A 179 11.83 7.24 -53.55
C LEU A 179 12.86 6.91 -54.62
N ARG A 180 14.12 6.96 -54.23
CA ARG A 180 15.18 6.64 -55.17
C ARG A 180 16.27 5.90 -54.41
N CYS A 181 16.95 4.99 -55.09
CA CYS A 181 18.01 4.27 -54.41
C CYS A 181 19.25 4.37 -55.27
N GLN A 182 20.30 4.96 -54.72
CA GLN A 182 21.53 5.13 -55.45
C GLN A 182 22.50 4.05 -54.99
N VAL A 183 23.09 3.36 -55.95
CA VAL A 183 23.91 2.18 -55.69
C VAL A 183 25.30 2.44 -56.21
N GLU A 184 26.31 2.17 -55.40
CA GLU A 184 27.69 2.23 -55.84
C GLU A 184 28.39 0.92 -55.45
N GLY A 185 29.48 0.65 -56.15
CA GLY A 185 30.33 -0.49 -55.87
C GLY A 185 30.79 -1.19 -57.13
N ARG A 186 31.88 -1.94 -57.00
CA ARG A 186 32.45 -2.68 -58.12
C ARG A 186 31.69 -3.95 -58.36
N GLY A 187 31.57 -4.32 -59.63
CA GLY A 187 31.04 -5.62 -60.00
C GLY A 187 29.61 -5.84 -59.56
N LEU A 188 28.77 -4.81 -59.66
CA LEU A 188 27.37 -4.96 -59.28
C LEU A 188 26.71 -6.02 -60.14
N GLU A 189 25.99 -6.94 -59.51
CA GLU A 189 25.29 -8.02 -60.18
C GLU A 189 23.79 -7.75 -60.30
N GLN A 190 23.18 -7.19 -59.28
CA GLN A 190 21.73 -7.03 -59.29
C GLN A 190 21.38 -6.04 -58.20
N ALA A 191 20.29 -5.29 -58.40
CA ALA A 191 19.75 -4.44 -57.34
C ALA A 191 18.24 -4.34 -57.54
N GLY A 192 17.53 -3.98 -56.49
CA GLY A 192 16.09 -3.86 -56.61
C GLY A 192 15.47 -3.45 -55.29
N TRP A 193 14.15 -3.62 -55.21
CA TRP A 193 13.38 -3.24 -54.03
C TRP A 193 12.67 -4.45 -53.44
N ILE A 194 12.62 -4.54 -52.12
CA ILE A 194 11.74 -5.49 -51.46
C ILE A 194 10.65 -4.68 -50.78
N LEU A 195 9.42 -4.93 -51.17
CA LEU A 195 8.28 -4.21 -50.60
C LEU A 195 7.47 -5.28 -49.87
N THR A 196 7.69 -5.37 -48.55
CA THR A 196 6.88 -6.24 -47.69
C THR A 196 5.40 -5.97 -47.94
N GLU A 197 4.63 -7.05 -48.04
CA GLU A 197 3.24 -7.00 -48.47
C GLU A 197 2.54 -5.67 -48.18
N LEU A 198 2.48 -4.82 -49.21
CA LEU A 198 1.85 -3.52 -49.06
C LEU A 198 0.35 -3.64 -48.86
N GLU A 199 -0.25 -4.78 -49.26
CA GLU A 199 -1.70 -4.98 -49.24
C GLU A 199 -2.40 -3.90 -50.06
N GLN A 200 -1.76 -3.52 -51.16
CA GLN A 200 -2.29 -2.46 -52.02
C GLN A 200 -2.45 -1.15 -51.24
N SER A 201 -1.49 -0.85 -50.37
CA SER A 201 -1.47 0.46 -49.75
C SER A 201 -0.84 1.52 -50.67
N ALA A 202 -0.36 1.09 -51.84
CA ALA A 202 0.20 1.97 -52.84
C ALA A 202 0.25 1.24 -54.18
N THR A 203 0.16 2.01 -55.25
CA THR A 203 0.39 1.47 -56.59
C THR A 203 1.87 1.59 -56.87
N VAL A 204 2.51 0.48 -57.24
CA VAL A 204 3.96 0.39 -57.24
C VAL A 204 4.47 0.53 -58.67
N MET A 205 5.21 1.61 -58.96
CA MET A 205 5.76 1.84 -60.29
C MET A 205 7.25 2.07 -60.15
N LYS A 206 8.02 1.19 -60.75
CA LYS A 206 9.47 1.30 -60.74
C LYS A 206 9.89 2.02 -62.01
N SER A 207 11.05 2.68 -61.96
CA SER A 207 11.51 3.41 -63.13
C SER A 207 13.04 3.48 -63.10
N GLY A 208 13.61 3.87 -64.22
CA GLY A 208 15.05 4.05 -64.37
C GLY A 208 15.81 2.76 -64.18
N GLY A 209 17.05 2.89 -63.72
CA GLY A 209 17.89 1.73 -63.52
C GLY A 209 19.19 2.16 -62.88
N LEU A 210 20.11 1.22 -62.79
CA LEU A 210 21.40 1.48 -62.14
C LEU A 210 22.03 2.71 -62.78
N PRO A 211 22.65 3.62 -61.98
CA PRO A 211 22.89 3.49 -60.54
C PRO A 211 21.85 4.13 -59.66
N SER A 212 20.74 4.60 -60.24
CA SER A 212 19.73 5.33 -59.49
C SER A 212 18.37 4.69 -59.77
N LEU A 213 17.94 3.80 -58.89
CA LEU A 213 16.69 3.08 -59.08
C LEU A 213 15.57 3.98 -58.61
N GLY A 214 14.47 4.02 -59.35
CA GLY A 214 13.35 4.90 -59.05
C GLY A 214 12.15 4.12 -58.58
N LEU A 215 11.49 4.62 -57.55
CA LEU A 215 10.30 3.96 -57.04
C LEU A 215 9.24 5.02 -56.77
N THR A 216 8.09 4.91 -57.43
CA THR A 216 6.95 5.76 -57.10
C THR A 216 5.87 4.91 -56.44
N LEU A 217 5.45 5.32 -55.26
CA LEU A 217 4.29 4.73 -54.60
C LEU A 217 3.14 5.69 -54.84
N ALA A 218 2.24 5.30 -55.71
CA ALA A 218 1.20 6.20 -56.16
C ALA A 218 -0.11 5.92 -55.43
N ASN A 219 -0.88 6.99 -55.20
CA ASN A 219 -2.21 6.92 -54.58
C ASN A 219 -2.14 6.15 -53.25
N VAL A 220 -1.27 6.66 -52.36
CA VAL A 220 -1.01 5.93 -51.11
C VAL A 220 -2.24 5.94 -50.22
N THR A 221 -2.42 4.88 -49.44
CA THR A 221 -3.43 4.86 -48.39
C THR A 221 -2.76 4.92 -47.02
N SER A 222 -3.60 5.10 -45.98
CA SER A 222 -3.02 5.18 -44.66
C SER A 222 -2.28 3.90 -44.27
N ASP A 223 -2.60 2.77 -44.90
CA ASP A 223 -1.94 1.50 -44.52
C ASP A 223 -0.50 1.40 -45.01
N LEU A 224 0.00 2.40 -45.74
CA LEU A 224 1.41 2.42 -46.10
C LEU A 224 2.28 2.69 -44.88
N ASN A 225 1.70 3.21 -43.79
CA ASN A 225 2.47 3.43 -42.57
C ASN A 225 3.04 2.10 -42.06
N ARG A 226 4.24 2.17 -41.50
CA ARG A 226 4.96 1.06 -40.89
C ARG A 226 5.36 -0.03 -41.88
N LYS A 227 5.18 0.17 -43.18
CA LYS A 227 5.59 -0.82 -44.16
C LYS A 227 7.07 -0.61 -44.49
N ASN A 228 7.86 -1.69 -44.50
CA ASN A 228 9.29 -1.58 -44.80
C ASN A 228 9.50 -1.50 -46.30
N LEU A 229 10.17 -0.44 -46.75
CA LEU A 229 10.52 -0.27 -48.16
C LEU A 229 12.04 -0.45 -48.24
N THR A 230 12.48 -1.53 -48.87
CA THR A 230 13.90 -1.89 -48.80
C THR A 230 14.54 -1.82 -50.17
N CYS A 231 15.65 -1.11 -50.27
CA CYS A 231 16.51 -1.18 -51.42
C CYS A 231 17.66 -2.14 -51.13
N TRP A 232 17.99 -2.99 -52.11
CA TRP A 232 19.05 -3.97 -51.93
C TRP A 232 19.94 -3.97 -53.17
N ALA A 233 21.20 -4.38 -53.02
CA ALA A 233 22.10 -4.56 -54.17
C ALA A 233 23.10 -5.63 -53.82
N GLU A 234 23.61 -6.33 -54.85
CA GLU A 234 24.50 -7.46 -54.62
C GLU A 234 25.66 -7.45 -55.60
N ASN A 235 26.85 -7.82 -55.12
CA ASN A 235 27.97 -8.12 -56.01
C ASN A 235 28.59 -9.44 -55.54
N ASP A 236 29.78 -9.75 -56.02
CA ASP A 236 30.42 -11.00 -55.60
C ASP A 236 30.84 -10.98 -54.14
N VAL A 237 30.90 -9.80 -53.53
CA VAL A 237 31.43 -9.69 -52.18
C VAL A 237 30.34 -9.89 -51.15
N GLY A 238 29.14 -9.37 -51.43
CA GLY A 238 28.06 -9.52 -50.49
C GLY A 238 26.87 -8.70 -50.91
N ARG A 239 25.95 -8.52 -49.96
CA ARG A 239 24.66 -7.88 -50.18
C ARG A 239 24.49 -6.69 -49.25
N ALA A 240 23.93 -5.61 -49.76
CA ALA A 240 23.65 -4.46 -48.93
C ALA A 240 22.15 -4.20 -48.94
N GLU A 241 21.59 -3.73 -47.82
CA GLU A 241 20.18 -3.33 -47.84
C GLU A 241 20.00 -2.10 -46.99
N VAL A 242 19.03 -1.30 -47.39
CA VAL A 242 18.56 -0.16 -46.61
C VAL A 242 17.03 -0.20 -46.61
N SER A 243 16.42 -0.12 -45.43
CA SER A 243 14.97 -0.09 -45.31
C SER A 243 14.54 1.28 -44.80
N VAL A 244 13.46 1.81 -45.38
CA VAL A 244 12.92 3.09 -44.97
C VAL A 244 11.40 2.92 -44.82
N GLN A 245 10.78 3.92 -44.20
CA GLN A 245 9.34 4.00 -44.06
C GLN A 245 8.89 5.38 -44.52
N VAL A 246 7.66 5.42 -45.04
CA VAL A 246 7.00 6.67 -45.41
C VAL A 246 5.91 6.90 -44.37
N ASN A 247 5.70 8.16 -43.98
CA ASN A 247 4.67 8.55 -43.04
C ASN A 247 3.51 9.15 -43.82
N VAL A 248 2.33 8.55 -43.69
CA VAL A 248 1.10 9.02 -44.29
C VAL A 248 0.21 9.52 -43.18
N SER A 249 -0.06 10.81 -43.18
CA SER A 249 -0.96 11.43 -42.21
C SER A 249 -2.40 11.09 -42.55
N PHE A 250 -3.23 10.87 -41.53
CA PHE A 250 -4.63 10.57 -41.83
C PHE A 250 -5.47 10.84 -40.58
N PRO A 251 -6.78 11.07 -40.75
CA PRO A 251 -7.61 11.53 -39.65
C PRO A 251 -7.79 10.53 -38.52
N ALA A 252 -8.26 11.07 -37.40
CA ALA A 252 -8.51 10.28 -36.22
C ALA A 252 -9.75 9.41 -36.40
N SER A 253 -9.77 8.27 -35.69
CA SER A 253 -10.93 7.41 -35.58
C SER A 253 -10.89 6.76 -34.19
N VAL A 254 -12.07 6.43 -33.66
CA VAL A 254 -12.17 5.91 -32.31
C VAL A 254 -13.39 4.99 -32.26
N GLN A 255 -13.28 3.94 -31.45
CA GLN A 255 -14.37 2.99 -31.25
C GLN A 255 -14.33 2.53 -29.80
N LEU A 256 -15.50 2.32 -29.22
CA LEU A 256 -15.59 1.82 -27.84
C LEU A 256 -16.23 0.45 -27.82
N HIS A 257 -15.98 -0.30 -26.74
CA HIS A 257 -16.57 -1.62 -26.52
C HIS A 257 -17.28 -1.63 -25.17
N THR A 258 -18.20 -2.59 -25.00
CA THR A 258 -18.98 -2.73 -23.76
C THR A 258 -18.08 -2.86 -22.54
N ALA A 259 -18.46 -2.23 -21.42
CA ALA A 259 -17.64 -2.33 -20.21
C ALA A 259 -17.60 -3.77 -19.73
N VAL A 260 -16.46 -4.15 -19.18
CA VAL A 260 -16.26 -5.50 -18.67
C VAL A 260 -15.63 -5.37 -17.30
N GLU A 261 -16.07 -6.19 -16.34
CA GLU A 261 -15.58 -6.07 -14.98
C GLU A 261 -14.49 -7.09 -14.75
N MET A 262 -13.29 -6.62 -14.34
CA MET A 262 -12.28 -7.53 -13.84
C MET A 262 -11.87 -6.99 -12.48
N HIS A 263 -10.61 -7.14 -12.06
CA HIS A 263 -10.27 -6.58 -10.74
C HIS A 263 -10.45 -5.05 -10.73
N HIS A 264 -10.31 -4.40 -11.89
CA HIS A 264 -10.86 -3.08 -12.21
C HIS A 264 -11.86 -3.32 -13.34
N TRP A 265 -12.76 -2.36 -13.56
CA TRP A 265 -13.54 -2.39 -14.77
C TRP A 265 -12.73 -1.81 -15.92
N CYS A 266 -13.12 -2.18 -17.14
CA CYS A 266 -12.48 -1.64 -18.34
C CYS A 266 -13.57 -1.22 -19.34
N ILE A 267 -13.53 0.02 -19.78
CA ILE A 267 -14.21 0.39 -21.03
C ILE A 267 -13.15 0.31 -22.14
N PRO A 268 -13.10 -0.73 -22.96
CA PRO A 268 -12.00 -0.85 -23.92
C PRO A 268 -12.23 0.07 -25.09
N PHE A 269 -11.13 0.58 -25.63
CA PHE A 269 -11.21 1.47 -26.78
C PHE A 269 -10.09 1.15 -27.77
N SER A 270 -10.30 1.57 -29.02
CA SER A 270 -9.23 1.59 -30.01
C SER A 270 -9.25 2.95 -30.68
N VAL A 271 -8.07 3.48 -30.97
CA VAL A 271 -7.95 4.78 -31.63
C VAL A 271 -6.89 4.69 -32.71
N ASP A 272 -7.12 5.36 -33.85
CA ASP A 272 -6.12 5.42 -34.91
C ASP A 272 -6.11 6.82 -35.48
N GLY A 273 -5.12 7.08 -36.34
CA GLY A 273 -4.86 8.40 -36.89
C GLY A 273 -3.37 8.69 -36.85
N GLN A 274 -2.94 9.60 -37.72
CA GLN A 274 -1.54 10.01 -37.65
C GLN A 274 -1.45 11.45 -38.13
N PRO A 275 -0.89 12.39 -37.34
CA PRO A 275 -0.29 12.23 -36.00
C PRO A 275 -1.20 11.53 -35.00
N ALA A 276 -0.61 10.83 -34.03
CA ALA A 276 -1.40 10.08 -33.05
C ALA A 276 -2.39 11.03 -32.39
N PRO A 277 -3.64 10.68 -32.28
CA PRO A 277 -4.59 11.64 -31.70
C PRO A 277 -4.46 11.76 -30.20
N SER A 278 -4.74 12.98 -29.72
CA SER A 278 -4.98 13.24 -28.32
C SER A 278 -6.37 12.73 -27.94
N LEU A 279 -6.48 12.25 -26.69
CA LEU A 279 -7.70 11.59 -26.21
C LEU A 279 -8.29 12.37 -25.03
N ARG A 280 -9.62 12.47 -24.99
CA ARG A 280 -10.29 13.13 -23.86
C ARG A 280 -11.62 12.45 -23.63
N TRP A 281 -11.85 12.00 -22.40
CA TRP A 281 -13.12 11.38 -22.04
C TRP A 281 -14.11 12.44 -21.58
N LEU A 282 -15.38 12.28 -21.98
CA LEU A 282 -16.46 13.02 -21.37
C LEU A 282 -17.39 12.02 -20.68
N PHE A 283 -18.03 12.46 -19.61
CA PHE A 283 -19.07 11.69 -18.92
C PHE A 283 -20.32 12.57 -18.92
N ASN A 284 -21.38 12.09 -19.58
CA ASN A 284 -22.61 12.84 -19.78
C ASN A 284 -22.29 14.23 -20.30
N GLY A 285 -21.34 14.30 -21.24
CA GLY A 285 -21.04 15.53 -21.93
C GLY A 285 -20.07 16.47 -21.20
N SER A 286 -19.70 16.17 -19.95
CA SER A 286 -18.75 16.97 -19.19
C SER A 286 -17.41 16.27 -19.20
N VAL A 287 -16.34 17.07 -19.21
CA VAL A 287 -15.01 16.48 -19.19
C VAL A 287 -14.85 15.59 -17.96
N LEU A 288 -14.37 14.39 -18.18
CA LEU A 288 -14.23 13.46 -17.09
C LEU A 288 -12.90 13.72 -16.40
N ASN A 289 -12.91 13.81 -15.08
CA ASN A 289 -11.66 14.12 -14.40
C ASN A 289 -10.97 12.80 -14.08
N GLU A 290 -9.85 12.55 -14.72
CA GLU A 290 -9.15 11.31 -14.43
C GLU A 290 -8.51 11.38 -13.03
N THR A 291 -8.67 10.31 -12.26
CA THR A 291 -8.21 10.28 -10.88
C THR A 291 -7.42 8.99 -10.67
N SER A 292 -7.05 8.73 -9.40
CA SER A 292 -6.43 7.47 -9.05
C SER A 292 -7.33 6.28 -9.33
N PHE A 293 -8.64 6.50 -9.40
CA PHE A 293 -9.56 5.38 -9.55
C PHE A 293 -10.23 5.28 -10.91
N ILE A 294 -10.18 6.34 -11.72
CA ILE A 294 -10.78 6.34 -13.04
C ILE A 294 -9.76 6.98 -13.98
N PHE A 295 -9.13 6.17 -14.84
CA PHE A 295 -7.99 6.70 -15.59
C PHE A 295 -7.82 5.93 -16.92
N THR A 296 -7.18 6.59 -17.88
CA THR A 296 -6.90 5.98 -19.18
C THR A 296 -5.63 5.18 -19.08
N GLU A 297 -5.66 3.93 -19.55
CA GLU A 297 -4.42 3.16 -19.65
C GLU A 297 -4.36 2.46 -21.01
N PHE A 298 -3.21 2.57 -21.69
CA PHE A 298 -2.98 2.03 -23.02
C PHE A 298 -2.32 0.66 -22.93
N LEU A 299 -2.68 -0.19 -23.88
CA LEU A 299 -1.85 -1.36 -24.20
C LEU A 299 -0.59 -0.88 -24.92
N GLU A 300 0.49 -1.67 -24.80
CA GLU A 300 1.73 -1.32 -25.49
C GLU A 300 1.49 -1.19 -27.00
N PRO A 301 2.10 -0.20 -27.66
CA PRO A 301 1.93 -0.07 -29.11
C PRO A 301 2.64 -1.20 -29.86
N ALA A 302 2.15 -1.45 -31.06
CA ALA A 302 2.74 -2.43 -31.98
C ALA A 302 3.53 -1.74 -33.10
N ALA A 303 4.67 -2.33 -33.47
CA ALA A 303 5.56 -1.72 -34.48
C ALA A 303 4.95 -1.73 -35.86
N ASN A 304 4.08 -2.71 -36.16
CA ASN A 304 3.60 -2.88 -37.51
C ASN A 304 2.27 -2.16 -37.78
N GLU A 305 1.77 -1.34 -36.86
CA GLU A 305 0.50 -0.65 -37.09
C GLU A 305 0.38 0.60 -36.24
N THR A 306 -0.44 1.54 -36.69
CA THR A 306 -0.58 2.79 -35.98
C THR A 306 -1.69 2.79 -34.95
N VAL A 307 -2.65 1.84 -35.03
CA VAL A 307 -3.76 1.81 -34.10
C VAL A 307 -3.26 1.59 -32.66
N ARG A 308 -3.95 2.21 -31.71
CA ARG A 308 -3.68 2.06 -30.30
C ARG A 308 -4.92 1.59 -29.57
N HIS A 309 -4.71 0.79 -28.53
CA HIS A 309 -5.82 0.23 -27.80
C HIS A 309 -5.62 0.52 -26.32
N GLY A 310 -6.72 0.47 -25.58
CA GLY A 310 -6.56 0.61 -24.14
C GLY A 310 -7.89 0.50 -23.42
N CYS A 311 -7.88 1.02 -22.20
CA CYS A 311 -9.05 0.99 -21.33
C CYS A 311 -9.24 2.35 -20.72
N LEU A 312 -10.49 2.64 -20.43
CA LEU A 312 -10.81 3.52 -19.31
C LEU A 312 -10.94 2.53 -18.17
N ARG A 313 -10.03 2.61 -17.19
CA ARG A 313 -10.05 1.73 -16.02
C ARG A 313 -10.84 2.38 -14.90
N LEU A 314 -11.74 1.63 -14.26
CA LEU A 314 -12.51 2.15 -13.14
C LEU A 314 -12.34 1.21 -11.96
N ASN A 315 -11.75 1.70 -10.89
CA ASN A 315 -11.50 0.91 -9.69
C ASN A 315 -12.67 1.18 -8.75
N GLN A 316 -13.54 0.18 -8.54
CA GLN A 316 -14.66 0.22 -7.60
C GLN A 316 -15.64 1.35 -7.92
N PRO A 317 -16.17 1.43 -9.15
CA PRO A 317 -17.11 2.53 -9.48
C PRO A 317 -18.44 2.28 -8.78
N THR A 318 -19.22 3.35 -8.62
CA THR A 318 -20.53 3.24 -8.02
C THR A 318 -21.60 3.65 -9.05
N HIS A 319 -22.85 3.70 -8.59
CA HIS A 319 -23.95 4.11 -9.46
C HIS A 319 -23.78 5.53 -9.96
N VAL A 320 -23.03 6.38 -9.24
CA VAL A 320 -22.79 7.74 -9.76
C VAL A 320 -22.00 7.73 -11.04
N ASN A 321 -21.26 6.66 -11.33
CA ASN A 321 -20.52 6.49 -12.58
C ASN A 321 -21.32 5.83 -13.69
N ASN A 322 -22.61 5.53 -13.45
CA ASN A 322 -23.52 5.06 -14.53
C ASN A 322 -23.81 6.20 -15.47
N GLY A 323 -23.55 6.02 -16.76
CA GLY A 323 -23.96 7.03 -17.73
C GLY A 323 -23.21 6.89 -19.05
N ASN A 324 -23.08 8.02 -19.73
CA ASN A 324 -22.66 8.05 -21.14
C ASN A 324 -21.17 8.43 -21.21
N TYR A 325 -20.32 7.46 -21.57
CA TYR A 325 -18.89 7.68 -21.72
C TYR A 325 -18.62 7.96 -23.19
N THR A 326 -18.09 9.14 -23.46
CA THR A 326 -17.70 9.51 -24.80
C THR A 326 -16.20 9.68 -24.83
N LEU A 327 -15.57 9.08 -25.82
CA LEU A 327 -14.15 9.24 -26.02
C LEU A 327 -13.92 10.14 -27.24
N LEU A 328 -13.28 11.29 -27.01
CA LEU A 328 -12.92 12.21 -28.09
C LEU A 328 -11.48 11.92 -28.50
N ALA A 329 -11.25 11.85 -29.80
CA ALA A 329 -9.92 11.61 -30.34
C ALA A 329 -9.65 12.63 -31.45
N ALA A 330 -8.65 13.46 -31.24
CA ALA A 330 -8.43 14.55 -32.18
C ALA A 330 -6.98 14.62 -32.61
N ASN A 331 -6.77 14.93 -33.89
CA ASN A 331 -5.45 15.22 -34.41
C ASN A 331 -5.62 16.40 -35.37
N PRO A 332 -4.59 16.80 -36.15
CA PRO A 332 -4.76 18.00 -36.99
C PRO A 332 -5.92 17.93 -37.96
N PHE A 333 -6.45 16.74 -38.27
CA PHE A 333 -7.56 16.63 -39.21
C PHE A 333 -8.92 16.92 -38.59
N GLY A 334 -9.01 17.01 -37.26
CA GLY A 334 -10.27 17.19 -36.60
C GLY A 334 -10.51 16.14 -35.54
N GLN A 335 -11.72 16.13 -35.00
CA GLN A 335 -12.04 15.34 -33.82
C GLN A 335 -13.04 14.28 -34.17
N ALA A 336 -12.72 13.04 -33.83
CA ALA A 336 -13.63 11.92 -33.95
C ALA A 336 -14.21 11.61 -32.55
N SER A 337 -15.31 10.87 -32.51
CA SER A 337 -15.84 10.57 -31.20
C SER A 337 -16.65 9.28 -31.31
N ALA A 338 -16.72 8.59 -30.18
CA ALA A 338 -17.54 7.39 -30.01
C ALA A 338 -18.12 7.46 -28.61
N SER A 339 -19.29 6.88 -28.42
CA SER A 339 -20.01 6.99 -27.17
C SER A 339 -20.56 5.62 -26.82
N ILE A 340 -20.72 5.39 -25.52
CA ILE A 340 -21.27 4.13 -25.08
C ILE A 340 -21.88 4.35 -23.68
N MET A 341 -23.02 3.72 -23.44
CA MET A 341 -23.59 3.69 -22.10
C MET A 341 -22.90 2.61 -21.28
N ALA A 342 -22.69 2.87 -19.99
CA ALA A 342 -22.07 1.93 -19.08
C ALA A 342 -22.76 2.01 -17.73
N ALA A 343 -23.08 0.84 -17.17
CA ALA A 343 -23.64 0.74 -15.83
C ALA A 343 -22.75 -0.16 -14.96
N PHE A 344 -22.51 0.27 -13.75
CA PHE A 344 -21.57 -0.41 -12.87
C PHE A 344 -22.18 -0.92 -11.60
N MET A 345 -23.18 -0.25 -11.08
CA MET A 345 -23.75 -0.70 -9.84
C MET A 345 -25.16 -0.17 -9.78
N ASP A 346 -26.07 -1.00 -9.29
CA ASP A 346 -27.47 -0.62 -9.20
C ASP A 346 -27.64 0.63 -8.36
N ASN A 347 -28.71 1.34 -8.64
CA ASN A 347 -29.03 2.52 -7.86
C ASN A 347 -29.49 2.09 -6.47
N PRO A 348 -29.14 2.84 -5.43
CA PRO A 348 -29.49 2.47 -4.06
C PRO A 348 -30.99 2.64 -3.78
N SER B 1 6.81 42.16 58.25
CA SER B 1 6.09 42.97 59.23
C SER B 1 5.20 44.07 58.60
N CYS B 2 4.01 44.27 59.18
CA CYS B 2 3.03 45.19 58.63
C CYS B 2 2.03 45.55 59.74
N PRO B 3 1.25 46.66 59.56
CA PRO B 3 0.36 47.12 60.65
C PRO B 3 -0.98 46.39 60.75
N ASP B 4 -1.07 45.22 60.16
CA ASP B 4 -2.26 44.38 60.20
C ASP B 4 -1.94 43.09 60.94
N ALA B 5 -2.97 42.41 61.42
CA ALA B 5 -2.75 41.11 62.03
C ALA B 5 -2.14 40.12 61.03
N CYS B 6 -2.45 40.26 59.74
CA CYS B 6 -1.92 39.40 58.68
C CYS B 6 -1.01 40.18 57.72
N CYS B 7 0.16 39.62 57.42
CA CYS B 7 1.12 40.25 56.50
C CYS B 7 1.48 39.27 55.38
N PRO B 8 1.37 39.69 54.12
CA PRO B 8 1.77 38.80 53.02
C PRO B 8 3.25 38.45 53.13
N HIS B 9 3.57 37.25 52.69
CA HIS B 9 4.93 36.72 52.76
C HIS B 9 5.18 35.95 51.47
N GLY B 10 6.23 36.34 50.75
CA GLY B 10 6.50 35.71 49.48
C GLY B 10 5.48 36.17 48.44
N SER B 11 5.37 35.40 47.37
CA SER B 11 4.47 35.77 46.28
C SER B 11 3.02 35.39 46.58
N SER B 12 2.79 34.35 47.38
CA SER B 12 1.41 33.93 47.58
C SER B 12 1.17 33.41 49.00
N GLY B 13 1.87 33.95 49.99
CA GLY B 13 1.67 33.48 51.35
C GLY B 13 1.16 34.57 52.28
N LEU B 14 0.56 34.17 53.37
CA LEU B 14 0.05 35.11 54.35
C LEU B 14 0.45 34.60 55.73
N ARG B 15 1.06 35.46 56.52
CA ARG B 15 1.48 35.12 57.88
C ARG B 15 0.75 36.01 58.89
N CYS B 16 -0.04 35.41 59.78
N CYS B 16 -0.07 35.40 59.73
CA CYS B 16 -0.83 36.15 60.76
CA CYS B 16 -0.76 36.13 60.77
C CYS B 16 -0.37 35.77 62.16
C CYS B 16 -0.18 35.76 62.12
N THR B 17 0.04 36.77 62.95
CA THR B 17 0.63 36.54 64.25
C THR B 17 -0.09 37.16 65.43
N ARG B 18 -1.20 37.83 65.20
CA ARG B 18 -1.99 38.35 66.31
C ARG B 18 -3.46 38.17 65.94
N ASP B 19 -4.32 38.45 66.91
CA ASP B 19 -5.74 38.15 66.80
C ASP B 19 -6.41 38.93 65.69
N GLY B 20 -7.43 38.33 65.11
CA GLY B 20 -8.14 38.93 63.99
C GLY B 20 -7.73 38.43 62.64
N ALA B 21 -7.04 37.28 62.58
CA ALA B 21 -6.55 36.73 61.31
C ALA B 21 -7.67 36.54 60.30
N LEU B 22 -8.77 35.91 60.73
CA LEU B 22 -9.81 35.57 59.76
C LEU B 22 -10.40 36.82 59.14
N ASP B 23 -10.66 37.84 59.95
CA ASP B 23 -11.20 39.09 59.45
C ASP B 23 -10.20 39.75 58.49
N SER B 24 -8.94 39.80 58.91
CA SER B 24 -7.91 40.41 58.07
C SER B 24 -7.83 39.67 56.73
N LEU B 25 -7.81 38.34 56.79
CA LEU B 25 -7.77 37.50 55.61
C LEU B 25 -8.89 37.86 54.63
N HIS B 26 -10.12 38.02 55.15
CA HIS B 26 -11.23 38.25 54.23
C HIS B 26 -11.38 39.70 53.78
N HIS B 27 -10.51 40.59 54.24
CA HIS B 27 -10.41 41.94 53.71
C HIS B 27 -9.21 42.09 52.80
N LEU B 28 -8.51 40.98 52.48
CA LEU B 28 -7.30 41.06 51.69
C LEU B 28 -7.64 40.85 50.21
N PRO B 29 -7.51 41.85 49.36
CA PRO B 29 -7.73 41.63 47.92
C PRO B 29 -6.73 40.59 47.42
N GLY B 30 -7.25 39.60 46.70
CA GLY B 30 -6.44 38.52 46.19
C GLY B 30 -6.25 37.34 47.11
N ALA B 31 -6.94 37.30 48.26
CA ALA B 31 -6.78 36.17 49.19
C ALA B 31 -7.07 34.84 48.52
N GLU B 32 -7.94 34.84 47.51
CA GLU B 32 -8.25 33.61 46.79
C GLU B 32 -7.03 33.03 46.09
N ASN B 33 -5.96 33.80 45.89
CA ASN B 33 -4.77 33.27 45.25
C ASN B 33 -3.71 32.80 46.24
N LEU B 34 -3.95 32.92 47.55
CA LEU B 34 -2.97 32.47 48.53
C LEU B 34 -2.73 30.97 48.43
N THR B 35 -1.45 30.55 48.51
CA THR B 35 -1.16 29.12 48.55
C THR B 35 -0.66 28.64 49.90
N GLU B 36 -0.19 29.54 50.76
CA GLU B 36 0.21 29.20 52.12
C GLU B 36 -0.42 30.18 53.06
N LEU B 37 -0.91 29.67 54.19
CA LEU B 37 -1.53 30.50 55.22
C LEU B 37 -1.01 30.04 56.57
N TYR B 38 -0.37 30.93 57.32
CA TYR B 38 0.12 30.65 58.67
C TYR B 38 -0.62 31.51 59.66
N ILE B 39 -1.16 30.90 60.71
CA ILE B 39 -1.97 31.61 61.69
C ILE B 39 -1.55 31.18 63.10
N GLU B 40 -1.31 32.15 63.98
CA GLU B 40 -0.97 31.84 65.36
C GLU B 40 -1.57 32.89 66.29
N ASN B 41 -1.69 32.51 67.57
CA ASN B 41 -2.00 33.44 68.66
C ASN B 41 -3.38 34.07 68.52
N GLN B 42 -4.34 33.34 67.99
CA GLN B 42 -5.71 33.83 67.92
C GLN B 42 -6.41 33.69 69.27
N GLN B 43 -7.29 34.66 69.58
CA GLN B 43 -8.00 34.68 70.85
C GLN B 43 -9.49 34.35 70.72
N HIS B 44 -10.01 34.34 69.51
CA HIS B 44 -11.41 34.04 69.30
C HIS B 44 -11.58 33.01 68.20
N LEU B 45 -10.68 32.03 68.14
CA LEU B 45 -10.77 30.95 67.17
C LEU B 45 -11.06 29.61 67.86
N GLN B 46 -12.14 29.55 68.66
CA GLN B 46 -12.46 28.30 69.35
C GLN B 46 -12.88 27.20 68.39
N HIS B 47 -13.62 27.53 67.33
CA HIS B 47 -14.04 26.52 66.36
C HIS B 47 -13.81 27.04 64.95
N LEU B 48 -13.44 26.13 64.05
CA LEU B 48 -13.21 26.45 62.64
C LEU B 48 -14.35 25.89 61.82
N GLU B 49 -15.08 26.76 61.11
CA GLU B 49 -16.27 26.33 60.38
C GLU B 49 -16.08 26.41 58.86
N LEU B 50 -17.07 25.86 58.13
CA LEU B 50 -17.04 25.81 56.67
C LEU B 50 -16.68 27.15 56.05
N ARG B 51 -17.32 28.24 56.51
CA ARG B 51 -17.15 29.55 55.88
C ARG B 51 -15.79 30.20 56.19
N ASP B 52 -15.04 29.73 57.20
CA ASP B 52 -13.86 30.46 57.62
C ASP B 52 -12.77 30.48 56.54
N LEU B 53 -12.65 29.41 55.76
CA LEU B 53 -11.64 29.35 54.72
C LEU B 53 -12.24 29.52 53.33
N ARG B 54 -13.46 30.07 53.24
CA ARG B 54 -14.16 30.22 51.98
C ARG B 54 -13.27 30.97 50.98
N GLY B 55 -13.29 30.50 49.73
CA GLY B 55 -12.58 31.13 48.65
C GLY B 55 -11.11 30.78 48.57
N LEU B 56 -10.55 30.05 49.56
CA LEU B 56 -9.12 29.75 49.55
C LEU B 56 -8.81 28.49 48.74
N GLY B 57 -9.20 28.54 47.47
CA GLY B 57 -9.09 27.39 46.61
C GLY B 57 -7.66 26.96 46.30
N GLU B 58 -6.70 27.89 46.34
CA GLU B 58 -5.31 27.53 46.00
C GLU B 58 -4.47 27.17 47.20
N LEU B 59 -5.07 27.14 48.38
CA LEU B 59 -4.32 26.89 49.60
C LEU B 59 -3.73 25.49 49.56
N ARG B 60 -2.40 25.40 49.72
CA ARG B 60 -1.66 24.13 49.83
C ARG B 60 -1.18 23.85 51.24
N ASN B 61 -0.67 24.86 51.94
CA ASN B 61 -0.12 24.74 53.28
C ASN B 61 -0.92 25.60 54.22
N LEU B 62 -1.47 24.97 55.26
CA LEU B 62 -2.23 25.70 56.26
C LEU B 62 -1.69 25.32 57.60
N THR B 63 -1.35 26.33 58.39
CA THR B 63 -0.87 26.14 59.76
C THR B 63 -1.72 27.02 60.67
N ILE B 64 -2.34 26.42 61.69
CA ILE B 64 -3.09 27.14 62.71
C ILE B 64 -2.62 26.59 64.05
N VAL B 65 -1.76 27.33 64.74
CA VAL B 65 -1.10 26.85 65.96
C VAL B 65 -1.30 27.90 67.05
N LYS B 66 -1.18 27.45 68.30
CA LYS B 66 -1.20 28.38 69.46
C LYS B 66 -2.44 29.27 69.45
N SER B 67 -3.59 28.70 69.08
CA SER B 67 -4.79 29.51 68.92
C SER B 67 -5.98 28.98 69.69
N GLY B 68 -5.77 28.07 70.63
CA GLY B 68 -6.89 27.60 71.44
C GLY B 68 -8.02 27.02 70.63
N LEU B 69 -7.71 26.53 69.43
CA LEU B 69 -8.70 25.89 68.57
C LEU B 69 -9.23 24.61 69.23
N ARG B 70 -10.54 24.55 69.42
CA ARG B 70 -11.16 23.43 70.11
C ARG B 70 -11.86 22.46 69.18
N PHE B 71 -12.36 22.93 68.03
CA PHE B 71 -13.23 22.12 67.20
C PHE B 71 -12.98 22.42 65.74
N VAL B 72 -12.70 21.41 64.93
CA VAL B 72 -12.59 21.60 63.49
C VAL B 72 -13.83 20.95 62.87
N ALA B 73 -14.69 21.77 62.26
CA ALA B 73 -15.91 21.24 61.66
C ALA B 73 -15.59 20.21 60.59
N PRO B 74 -16.37 19.13 60.46
CA PRO B 74 -16.05 18.10 59.46
C PRO B 74 -15.97 18.65 58.03
N ASP B 75 -16.67 19.72 57.71
CA ASP B 75 -16.53 20.30 56.39
C ASP B 75 -15.66 21.56 56.40
N ALA B 76 -14.78 21.73 57.43
CA ALA B 76 -14.00 22.96 57.55
C ALA B 76 -13.04 23.18 56.37
N PHE B 77 -12.64 22.13 55.65
CA PHE B 77 -11.74 22.26 54.51
C PHE B 77 -12.43 21.99 53.17
N HIS B 78 -13.75 22.12 53.14
CA HIS B 78 -14.47 21.94 51.89
C HIS B 78 -13.99 22.93 50.82
N PHE B 79 -13.71 24.16 51.22
CA PHE B 79 -13.26 25.17 50.27
C PHE B 79 -11.76 25.15 50.04
N THR B 80 -11.02 24.25 50.68
CA THR B 80 -9.57 24.16 50.48
C THR B 80 -9.17 22.79 49.95
N PRO B 81 -9.66 22.40 48.76
CA PRO B 81 -9.50 21.00 48.33
C PRO B 81 -8.07 20.63 47.94
N ARG B 82 -7.19 21.61 47.74
CA ARG B 82 -5.81 21.37 47.39
C ARG B 82 -4.89 21.29 48.62
N LEU B 83 -5.45 21.36 49.81
CA LEU B 83 -4.62 21.30 51.00
C LEU B 83 -3.81 20.01 51.01
N SER B 84 -2.51 20.16 51.20
CA SER B 84 -1.62 19.01 51.29
C SER B 84 -0.76 18.97 52.54
N ARG B 85 -0.59 20.09 53.29
CA ARG B 85 0.11 20.06 54.57
C ARG B 85 -0.74 20.84 55.57
N LEU B 86 -1.13 20.18 56.66
CA LEU B 86 -2.06 20.76 57.62
C LEU B 86 -1.45 20.66 58.99
N ASN B 87 -1.17 21.79 59.62
CA ASN B 87 -0.50 21.81 60.90
C ASN B 87 -1.42 22.50 61.91
N LEU B 88 -1.99 21.72 62.82
CA LEU B 88 -2.88 22.24 63.84
C LEU B 88 -2.31 22.00 65.23
N SER B 89 -0.99 22.04 65.35
CA SER B 89 -0.38 21.72 66.63
C SER B 89 -0.60 22.85 67.65
N PHE B 90 -0.50 22.45 68.93
CA PHE B 90 -0.50 23.37 70.07
C PHE B 90 -1.78 24.21 70.14
N ASN B 91 -2.90 23.53 69.95
CA ASN B 91 -4.21 24.11 70.12
C ASN B 91 -4.89 23.44 71.32
N ALA B 92 -6.23 23.40 71.34
CA ALA B 92 -7.00 22.79 72.41
C ALA B 92 -7.87 21.69 71.85
N LEU B 93 -7.38 21.01 70.82
CA LEU B 93 -8.17 19.96 70.16
C LEU B 93 -8.22 18.71 71.02
N GLU B 94 -9.41 18.31 71.43
CA GLU B 94 -9.51 17.02 72.11
C GLU B 94 -9.89 15.90 71.14
N SER B 95 -10.41 16.25 69.98
CA SER B 95 -10.73 15.26 68.97
C SER B 95 -10.69 15.93 67.61
N LEU B 96 -10.70 15.09 66.60
CA LEU B 96 -10.67 15.54 65.22
C LEU B 96 -11.40 14.47 64.42
N SER B 97 -12.49 14.85 63.77
CA SER B 97 -13.27 13.89 63.01
C SER B 97 -12.54 13.46 61.75
N TRP B 98 -12.69 12.18 61.38
CA TRP B 98 -12.14 11.69 60.13
C TRP B 98 -12.71 12.41 58.91
N LYS B 99 -13.90 12.95 59.03
CA LYS B 99 -14.51 13.65 57.91
C LYS B 99 -13.70 14.89 57.53
N THR B 100 -12.93 15.46 58.50
CA THR B 100 -12.24 16.72 58.23
C THR B 100 -11.24 16.58 57.10
N VAL B 101 -10.54 15.45 57.04
CA VAL B 101 -9.46 15.24 56.07
C VAL B 101 -9.85 14.24 55.00
N GLN B 102 -11.06 13.70 55.06
CA GLN B 102 -11.53 12.80 54.01
C GLN B 102 -11.50 13.56 52.68
N GLY B 103 -10.86 12.97 51.68
CA GLY B 103 -10.75 13.63 50.40
C GLY B 103 -9.58 14.58 50.26
N LEU B 104 -8.91 14.97 51.33
CA LEU B 104 -7.66 15.70 51.18
C LEU B 104 -6.53 14.72 50.92
N SER B 105 -5.57 15.10 50.10
CA SER B 105 -4.38 14.28 49.91
C SER B 105 -3.28 14.89 50.78
N LEU B 106 -3.33 14.59 52.08
CA LEU B 106 -2.41 15.21 53.04
C LEU B 106 -1.08 14.48 53.04
N GLN B 107 -0.01 15.20 52.69
CA GLN B 107 1.32 14.70 52.98
C GLN B 107 1.68 14.88 54.44
N GLU B 108 1.00 15.78 55.13
CA GLU B 108 1.38 16.12 56.48
C GLU B 108 0.13 16.49 57.25
N LEU B 109 -0.05 15.86 58.41
CA LEU B 109 -1.07 16.24 59.39
C LEU B 109 -0.39 16.31 60.75
N VAL B 110 -0.28 17.50 61.32
CA VAL B 110 0.46 17.71 62.56
C VAL B 110 -0.52 17.97 63.68
N LEU B 111 -0.50 17.14 64.75
CA LEU B 111 -1.42 17.36 65.87
C LEU B 111 -0.70 17.40 67.21
N SER B 112 0.61 17.55 67.18
CA SER B 112 1.38 17.64 68.41
C SER B 112 0.80 18.73 69.32
N GLY B 113 0.93 18.53 70.62
CA GLY B 113 0.56 19.54 71.58
C GLY B 113 -0.94 19.76 71.70
N ASN B 114 -1.75 18.77 71.31
CA ASN B 114 -3.17 18.86 71.54
C ASN B 114 -3.60 17.82 72.56
N PRO B 115 -4.52 18.15 73.45
CA PRO B 115 -4.98 17.19 74.46
C PRO B 115 -5.99 16.19 73.89
N LEU B 116 -5.50 15.33 72.98
CA LEU B 116 -6.36 14.35 72.32
C LEU B 116 -6.95 13.38 73.34
N HIS B 117 -8.28 13.27 73.34
CA HIS B 117 -9.01 12.30 74.17
C HIS B 117 -9.41 11.17 73.22
N CYS B 118 -8.92 9.98 73.50
CA CYS B 118 -9.08 8.89 72.57
C CYS B 118 -10.41 8.19 72.74
N SER B 119 -10.91 7.67 71.63
CA SER B 119 -12.14 6.90 71.53
C SER B 119 -12.14 6.36 70.11
N CYS B 120 -13.20 5.65 69.75
CA CYS B 120 -13.27 5.16 68.39
C CYS B 120 -13.23 6.29 67.37
N ALA B 121 -13.55 7.52 67.77
CA ALA B 121 -13.51 8.67 66.87
C ALA B 121 -12.09 9.04 66.46
N LEU B 122 -11.06 8.46 67.09
CA LEU B 122 -9.66 8.67 66.69
C LEU B 122 -9.05 7.39 66.12
N ARG B 123 -9.86 6.36 65.89
CA ARG B 123 -9.31 5.15 65.29
C ARG B 123 -8.67 5.45 63.92
N TRP B 124 -9.27 6.38 63.15
CA TRP B 124 -8.66 6.74 61.86
C TRP B 124 -7.26 7.30 62.06
N LEU B 125 -7.05 8.04 63.14
CA LEU B 125 -5.73 8.62 63.38
C LEU B 125 -4.74 7.53 63.79
N GLN B 126 -5.20 6.58 64.62
CA GLN B 126 -4.35 5.42 64.91
C GLN B 126 -3.99 4.66 63.62
N ARG B 127 -4.93 4.55 62.69
CA ARG B 127 -4.66 3.89 61.41
C ARG B 127 -3.62 4.66 60.59
N TRP B 128 -3.69 6.00 60.56
CA TRP B 128 -2.62 6.77 59.88
C TRP B 128 -1.26 6.47 60.51
N GLU B 129 -1.23 6.37 61.84
CA GLU B 129 0.03 5.98 62.49
C GLU B 129 0.42 4.56 62.08
N GLU B 130 -0.54 3.61 62.10
CA GLU B 130 -0.20 2.25 61.64
C GLU B 130 0.39 2.24 60.23
N GLU B 131 -0.15 3.06 59.34
CA GLU B 131 0.21 3.00 57.94
C GLU B 131 1.30 4.00 57.58
N GLY B 132 1.81 4.74 58.55
CA GLY B 132 2.92 5.67 58.28
C GLY B 132 2.55 6.87 57.44
N LEU B 133 1.36 7.41 57.66
CA LEU B 133 0.81 8.47 56.84
C LEU B 133 0.96 9.81 57.53
N GLY B 134 1.10 10.85 56.73
CA GLY B 134 0.98 12.23 57.17
C GLY B 134 2.00 12.67 58.18
N GLY B 135 3.14 11.98 58.28
CA GLY B 135 4.07 12.29 59.33
C GLY B 135 3.50 12.06 60.71
N VAL B 136 2.47 11.23 60.83
CA VAL B 136 1.87 10.99 62.14
C VAL B 136 2.75 10.13 63.05
N PRO B 137 3.44 9.06 62.58
CA PRO B 137 4.26 8.25 63.51
C PRO B 137 5.31 9.05 64.28
N GLU B 138 6.01 9.97 63.62
CA GLU B 138 7.06 10.68 64.33
C GLU B 138 6.51 11.53 65.45
N GLN B 139 5.24 11.88 65.39
CA GLN B 139 4.66 12.74 66.42
C GLN B 139 4.45 12.00 67.74
N LYS B 140 4.36 10.67 67.71
CA LYS B 140 4.14 9.86 68.90
C LYS B 140 3.00 10.44 69.73
N LEU B 141 1.86 10.56 69.07
CA LEU B 141 0.69 11.17 69.69
C LEU B 141 0.20 10.33 70.87
N GLN B 142 -0.41 11.01 71.85
CA GLN B 142 -0.82 10.42 73.10
C GLN B 142 -2.32 10.56 73.31
N CYS B 143 -2.92 9.57 73.97
CA CYS B 143 -4.27 9.69 74.49
C CYS B 143 -4.29 10.26 75.90
N HIS B 144 -4.94 11.42 76.10
CA HIS B 144 -4.98 12.07 77.41
C HIS B 144 -5.46 11.09 78.47
N GLY B 145 -4.65 10.93 79.52
CA GLY B 145 -4.93 10.06 80.64
C GLY B 145 -4.79 8.56 80.40
N GLN B 146 -4.41 8.11 79.19
CA GLN B 146 -4.48 6.68 78.86
C GLN B 146 -3.17 6.07 78.37
N GLY B 147 -2.42 6.77 77.52
CA GLY B 147 -1.18 6.27 76.99
C GLY B 147 -1.05 6.63 75.52
N PRO B 148 -0.10 6.00 74.83
CA PRO B 148 0.11 6.35 73.42
C PRO B 148 -1.03 5.90 72.51
N LEU B 149 -1.23 6.70 71.49
CA LEU B 149 -2.20 6.38 70.46
C LEU B 149 -1.94 4.99 69.89
N ALA B 150 -0.66 4.64 69.70
CA ALA B 150 -0.26 3.36 69.16
C ALA B 150 -0.73 2.19 70.04
N HIS B 151 -1.18 2.45 71.26
CA HIS B 151 -1.67 1.36 72.08
C HIS B 151 -3.14 1.55 72.48
N MET B 152 -3.85 2.49 71.85
CA MET B 152 -5.26 2.70 72.12
C MET B 152 -6.01 1.40 71.84
N PRO B 153 -6.71 0.84 72.83
CA PRO B 153 -7.54 -0.35 72.55
C PRO B 153 -8.55 0.00 71.46
N ASN B 154 -8.87 -0.98 70.64
CA ASN B 154 -9.68 -0.66 69.47
C ASN B 154 -10.58 -1.82 69.04
N ALA B 155 -10.82 -2.79 69.91
CA ALA B 155 -11.58 -3.96 69.50
C ALA B 155 -13.01 -3.59 69.04
N SER B 156 -13.62 -2.56 69.61
CA SER B 156 -14.98 -2.22 69.19
C SER B 156 -15.04 -1.22 68.02
N CYS B 157 -13.89 -0.81 67.46
CA CYS B 157 -13.83 0.21 66.41
C CYS B 157 -13.70 -0.44 65.04
N GLY B 158 -14.64 -0.15 64.16
CA GLY B 158 -14.52 -0.60 62.80
C GLY B 158 -15.41 0.21 61.89
N VAL B 159 -14.92 0.52 60.70
CA VAL B 159 -15.79 1.16 59.69
C VAL B 159 -16.86 0.14 59.30
N PRO B 160 -17.94 0.59 58.68
CA PRO B 160 -18.96 -0.36 58.21
C PRO B 160 -18.41 -1.32 57.18
N THR B 161 -19.10 -2.47 57.09
CA THR B 161 -18.86 -3.47 56.07
C THR B 161 -20.07 -3.52 55.15
N LEU B 162 -19.83 -3.72 53.86
CA LEU B 162 -20.88 -3.60 52.85
C LEU B 162 -20.95 -4.87 52.01
N LYS B 163 -22.15 -5.21 51.54
CA LYS B 163 -22.36 -6.25 50.53
C LYS B 163 -23.27 -5.69 49.44
N VAL B 164 -22.82 -5.70 48.19
CA VAL B 164 -23.60 -5.23 47.06
C VAL B 164 -24.00 -6.42 46.18
N GLN B 165 -25.29 -6.52 45.89
CA GLN B 165 -25.85 -7.52 44.99
C GLN B 165 -26.16 -6.89 43.64
N VAL B 166 -25.64 -7.50 42.57
CA VAL B 166 -25.78 -7.07 41.18
C VAL B 166 -26.32 -8.25 40.36
N PRO B 167 -26.80 -8.01 39.12
CA PRO B 167 -27.21 -9.17 38.30
C PRO B 167 -26.08 -10.15 38.02
N SER B 170 -24.90 -9.76 32.07
CA SER B 170 -25.07 -8.52 31.31
C SER B 170 -26.54 -8.26 30.97
N VAL B 171 -26.86 -6.98 30.72
CA VAL B 171 -28.21 -6.55 30.38
C VAL B 171 -28.25 -5.92 28.99
N ASP B 172 -29.46 -5.69 28.48
CA ASP B 172 -29.68 -5.06 27.20
C ASP B 172 -30.08 -3.59 27.35
N VAL B 173 -29.85 -2.82 26.28
CA VAL B 173 -30.34 -1.44 26.25
C VAL B 173 -31.85 -1.43 26.52
N GLY B 174 -32.26 -0.56 27.43
CA GLY B 174 -33.64 -0.43 27.83
C GLY B 174 -34.05 -1.22 29.06
N ASP B 175 -33.24 -2.19 29.50
CA ASP B 175 -33.57 -2.96 30.71
C ASP B 175 -33.50 -2.07 31.93
N ASP B 176 -34.09 -2.59 33.01
CA ASP B 176 -33.94 -2.04 34.36
C ASP B 176 -32.97 -2.92 35.14
N VAL B 177 -32.02 -2.28 35.82
CA VAL B 177 -30.99 -2.97 36.61
C VAL B 177 -31.27 -2.71 38.09
N LEU B 178 -31.34 -3.78 38.88
CA LEU B 178 -31.57 -3.66 40.32
C LEU B 178 -30.27 -3.91 41.08
N LEU B 179 -29.96 -3.01 42.01
CA LEU B 179 -28.85 -3.17 42.94
C LEU B 179 -29.39 -3.09 44.36
N ARG B 180 -28.71 -3.79 45.27
CA ARG B 180 -29.04 -3.80 46.70
C ARG B 180 -27.73 -3.72 47.45
N CYS B 181 -27.75 -3.02 48.59
CA CYS B 181 -26.57 -2.87 49.40
C CYS B 181 -26.96 -3.03 50.86
N GLN B 182 -26.31 -3.95 51.57
CA GLN B 182 -26.53 -4.15 52.99
C GLN B 182 -25.30 -3.69 53.77
N VAL B 183 -25.56 -3.04 54.90
CA VAL B 183 -24.51 -2.42 55.71
C VAL B 183 -24.56 -3.07 57.07
N GLU B 184 -23.40 -3.44 57.60
CA GLU B 184 -23.32 -3.93 58.97
C GLU B 184 -22.28 -3.11 59.73
N GLY B 185 -22.39 -3.15 61.07
CA GLY B 185 -21.42 -2.44 61.87
C GLY B 185 -22.06 -1.69 63.00
N ARG B 186 -21.27 -1.25 63.97
CA ARG B 186 -21.78 -0.53 65.13
C ARG B 186 -22.01 0.92 64.76
N GLY B 187 -23.09 1.49 65.30
CA GLY B 187 -23.31 2.93 65.19
C GLY B 187 -23.43 3.51 63.79
N LEU B 188 -24.11 2.81 62.89
CA LEU B 188 -24.30 3.30 61.52
C LEU B 188 -25.05 4.64 61.50
N GLU B 189 -24.49 5.61 60.80
CA GLU B 189 -25.13 6.93 60.76
C GLU B 189 -25.71 7.33 59.41
N GLN B 190 -25.08 6.94 58.31
CA GLN B 190 -25.49 7.43 57.00
C GLN B 190 -25.07 6.40 55.97
N ALA B 191 -25.84 6.28 54.89
CA ALA B 191 -25.46 5.44 53.77
C ALA B 191 -26.11 5.97 52.51
N GLY B 192 -25.55 5.58 51.37
CA GLY B 192 -26.14 6.02 50.12
C GLY B 192 -25.40 5.45 48.93
N TRP B 193 -25.69 6.05 47.77
CA TRP B 193 -25.07 5.68 46.51
C TRP B 193 -24.34 6.88 45.93
N ILE B 194 -23.15 6.63 45.37
CA ILE B 194 -22.43 7.59 44.55
C ILE B 194 -22.42 7.01 43.14
N LEU B 195 -22.97 7.75 42.20
CA LEU B 195 -23.04 7.33 40.81
C LEU B 195 -22.20 8.27 39.95
N THR B 196 -21.10 7.73 39.38
CA THR B 196 -20.32 8.43 38.34
C THR B 196 -21.29 9.13 37.40
N GLU B 197 -20.96 10.36 37.05
CA GLU B 197 -21.87 11.18 36.25
C GLU B 197 -22.48 10.34 35.14
N LEU B 198 -23.74 9.93 35.31
CA LEU B 198 -24.36 9.00 34.36
C LEU B 198 -24.62 9.64 33.01
N GLU B 199 -24.81 10.96 32.98
CA GLU B 199 -25.17 11.68 31.76
C GLU B 199 -26.45 11.10 31.15
N GLN B 200 -27.42 10.78 32.01
CA GLN B 200 -28.70 10.20 31.61
C GLN B 200 -28.51 8.84 30.92
N SER B 201 -27.58 8.03 31.42
CA SER B 201 -27.49 6.65 30.97
C SER B 201 -28.44 5.74 31.74
N ALA B 202 -29.18 6.27 32.70
CA ALA B 202 -30.25 5.52 33.35
C ALA B 202 -31.07 6.47 34.19
N THR B 203 -32.33 6.11 34.40
CA THR B 203 -33.16 6.77 35.38
C THR B 203 -32.85 6.16 36.75
N VAL B 204 -32.53 7.02 37.72
CA VAL B 204 -32.01 6.62 39.02
C VAL B 204 -33.13 6.67 40.06
N MET B 205 -33.46 5.52 40.64
CA MET B 205 -34.56 5.44 41.63
C MET B 205 -34.05 4.71 42.85
N LYS B 206 -34.04 5.40 44.00
CA LYS B 206 -33.58 4.80 45.24
C LYS B 206 -34.75 4.33 46.10
N SER B 207 -34.46 3.35 46.96
CA SER B 207 -35.46 2.84 47.88
C SER B 207 -34.76 2.42 49.14
N GLY B 208 -35.56 2.17 50.17
CA GLY B 208 -35.04 1.71 51.40
C GLY B 208 -34.13 2.73 52.07
N GLY B 209 -33.23 2.21 52.89
CA GLY B 209 -32.33 3.02 53.68
C GLY B 209 -31.53 2.09 54.58
N LEU B 210 -30.76 2.65 55.50
CA LEU B 210 -30.01 1.81 56.44
C LEU B 210 -30.93 0.80 57.10
N PRO B 211 -30.55 -0.49 57.18
CA PRO B 211 -29.28 -1.06 56.71
C PRO B 211 -29.38 -1.70 55.35
N SER B 212 -30.51 -1.55 54.65
CA SER B 212 -30.76 -2.21 53.36
C SER B 212 -31.19 -1.19 52.32
N LEU B 213 -30.25 -0.80 51.47
CA LEU B 213 -30.46 0.20 50.43
C LEU B 213 -30.85 -0.48 49.11
N GLY B 214 -31.76 0.16 48.37
CA GLY B 214 -32.18 -0.31 47.05
C GLY B 214 -31.86 0.72 45.99
N LEU B 215 -31.39 0.27 44.83
CA LEU B 215 -31.15 1.15 43.68
C LEU B 215 -31.68 0.48 42.41
N THR B 216 -32.54 1.18 41.67
CA THR B 216 -32.96 0.76 40.34
C THR B 216 -32.36 1.73 39.31
N LEU B 217 -31.64 1.19 38.34
CA LEU B 217 -31.20 2.00 37.20
C LEU B 217 -32.09 1.57 36.04
N ALA B 218 -33.06 2.42 35.71
CA ALA B 218 -34.13 2.07 34.78
C ALA B 218 -33.83 2.59 33.39
N ASN B 219 -34.29 1.85 32.38
CA ASN B 219 -34.18 2.21 30.98
C ASN B 219 -32.75 2.55 30.57
N VAL B 220 -31.83 1.60 30.85
CA VAL B 220 -30.41 1.86 30.73
C VAL B 220 -30.01 2.05 29.27
N THR B 221 -29.02 2.90 29.02
CA THR B 221 -28.46 3.03 27.68
C THR B 221 -27.06 2.42 27.67
N SER B 222 -26.48 2.27 26.46
CA SER B 222 -25.16 1.66 26.39
C SER B 222 -24.12 2.43 27.16
N ASP B 223 -24.34 3.74 27.43
CA ASP B 223 -23.36 4.57 28.14
C ASP B 223 -23.28 4.27 29.64
N LEU B 224 -24.11 3.36 30.15
CA LEU B 224 -23.93 2.88 31.52
C LEU B 224 -22.69 2.01 31.66
N ASN B 225 -22.14 1.50 30.54
CA ASN B 225 -20.89 0.76 30.60
C ASN B 225 -19.79 1.63 31.22
N ARG B 226 -18.94 1.02 32.04
CA ARG B 226 -17.77 1.67 32.65
C ARG B 226 -18.11 2.75 33.67
N LYS B 227 -19.39 2.91 34.03
CA LYS B 227 -19.79 3.84 35.07
C LYS B 227 -19.66 3.14 36.42
N ASN B 228 -18.99 3.80 37.39
CA ASN B 228 -18.82 3.24 38.73
C ASN B 228 -20.08 3.50 39.56
N LEU B 229 -20.66 2.44 40.07
CA LEU B 229 -21.86 2.47 40.91
C LEU B 229 -21.44 2.10 42.32
N THR B 230 -21.47 3.06 43.24
CA THR B 230 -20.85 2.89 44.55
C THR B 230 -21.88 2.99 45.66
N CYS B 231 -21.90 1.98 46.51
CA CYS B 231 -22.58 2.02 47.79
C CYS B 231 -21.57 2.44 48.85
N TRP B 232 -21.95 3.38 49.71
CA TRP B 232 -21.08 3.88 50.77
C TRP B 232 -21.83 3.91 52.08
N ALA B 233 -21.10 3.82 53.19
CA ALA B 233 -21.71 3.93 54.51
C ALA B 233 -20.69 4.47 55.52
N GLU B 234 -21.18 5.16 56.56
CA GLU B 234 -20.26 5.70 57.55
C GLU B 234 -20.85 5.55 58.94
N ASN B 235 -19.96 5.38 59.90
CA ASN B 235 -20.30 5.44 61.32
C ASN B 235 -19.30 6.43 61.90
N ASP B 236 -19.14 6.41 63.23
CA ASP B 236 -18.21 7.33 63.89
C ASP B 236 -16.75 6.98 63.60
N VAL B 237 -16.45 5.76 63.14
CA VAL B 237 -15.06 5.35 62.94
C VAL B 237 -14.55 5.72 61.56
N GLY B 238 -15.37 5.58 60.52
CA GLY B 238 -14.94 5.93 59.19
C GLY B 238 -16.01 5.59 58.18
N ARG B 239 -15.60 5.58 56.91
CA ARG B 239 -16.47 5.41 55.77
C ARG B 239 -16.03 4.20 54.99
N ALA B 240 -16.97 3.44 54.50
CA ALA B 240 -16.68 2.30 53.64
C ALA B 240 -17.41 2.45 52.31
N GLU B 241 -16.82 1.97 51.24
CA GLU B 241 -17.53 1.92 49.95
C GLU B 241 -17.21 0.64 49.21
N VAL B 242 -18.16 0.23 48.38
CA VAL B 242 -18.02 -0.89 47.46
C VAL B 242 -18.51 -0.40 46.10
N SER B 243 -17.68 -0.52 45.08
CA SER B 243 -18.03 -0.07 43.73
C SER B 243 -18.17 -1.26 42.79
N VAL B 244 -19.22 -1.22 41.98
CA VAL B 244 -19.49 -2.22 40.95
C VAL B 244 -19.79 -1.53 39.62
N GLN B 245 -19.79 -2.31 38.54
CA GLN B 245 -20.15 -1.86 37.21
C GLN B 245 -21.11 -2.85 36.59
N VAL B 246 -21.99 -2.36 35.75
CA VAL B 246 -22.84 -3.27 35.01
C VAL B 246 -22.44 -3.22 33.55
N ASN B 247 -22.60 -4.33 32.88
CA ASN B 247 -22.34 -4.46 31.45
C ASN B 247 -23.66 -4.32 30.72
N VAL B 248 -23.72 -3.40 29.78
CA VAL B 248 -24.86 -3.25 28.88
C VAL B 248 -24.40 -3.67 27.50
N SER B 249 -24.98 -4.74 26.97
CA SER B 249 -24.64 -5.19 25.63
C SER B 249 -25.30 -4.31 24.57
N PHE B 250 -24.58 -4.08 23.47
CA PHE B 250 -25.14 -3.28 22.39
C PHE B 250 -24.39 -3.60 21.10
N PRO B 251 -25.02 -3.40 19.94
CA PRO B 251 -24.46 -3.87 18.68
C PRO B 251 -23.18 -3.13 18.27
N ALA B 252 -22.48 -3.75 17.32
CA ALA B 252 -21.24 -3.19 16.81
C ALA B 252 -21.52 -1.95 15.95
N SER B 253 -20.53 -1.06 15.87
CA SER B 253 -20.56 0.06 14.94
C SER B 253 -19.11 0.33 14.53
N VAL B 254 -18.92 0.93 13.36
CA VAL B 254 -17.56 1.17 12.87
C VAL B 254 -17.59 2.41 12.00
N GLN B 255 -16.51 3.18 12.03
CA GLN B 255 -16.37 4.32 11.14
C GLN B 255 -14.92 4.48 10.72
N LEU B 256 -14.73 4.91 9.48
CA LEU B 256 -13.38 5.09 8.91
C LEU B 256 -13.15 6.57 8.62
N HIS B 257 -11.87 6.96 8.55
CA HIS B 257 -11.46 8.32 8.21
C HIS B 257 -10.49 8.28 7.01
N THR B 258 -10.36 9.41 6.33
CA THR B 258 -9.47 9.50 5.16
C THR B 258 -8.05 9.09 5.53
N ALA B 259 -7.39 8.36 4.62
CA ALA B 259 -6.03 7.90 4.88
C ALA B 259 -5.07 9.08 5.00
N VAL B 260 -4.09 8.97 5.90
CA VAL B 260 -3.14 10.05 6.12
C VAL B 260 -1.74 9.43 6.12
N GLU B 261 -0.81 10.13 5.47
CA GLU B 261 0.51 9.58 5.27
C GLU B 261 1.40 10.16 6.35
N MET B 262 2.00 9.29 7.15
CA MET B 262 3.10 9.68 8.03
C MET B 262 4.26 8.76 7.68
N HIS B 263 5.10 8.35 8.64
CA HIS B 263 6.20 7.43 8.29
C HIS B 263 5.66 6.08 7.81
N HIS B 264 4.49 5.70 8.30
CA HIS B 264 3.60 4.75 7.67
C HIS B 264 2.36 5.57 7.35
N TRP B 265 1.52 5.06 6.45
CA TRP B 265 0.18 5.56 6.24
C TRP B 265 -0.71 4.98 7.33
N CYS B 266 -1.81 5.67 7.62
CA CYS B 266 -2.84 5.23 8.58
C CYS B 266 -4.20 5.36 7.91
N ILE B 267 -4.97 4.28 7.88
CA ILE B 267 -6.42 4.44 7.73
C ILE B 267 -7.03 4.41 9.14
N PRO B 268 -7.38 5.54 9.75
CA PRO B 268 -7.87 5.53 11.13
C PRO B 268 -9.26 4.94 11.20
N PHE B 269 -9.54 4.28 12.30
CA PHE B 269 -10.86 3.74 12.50
C PHE B 269 -11.26 3.89 13.96
N SER B 270 -12.57 3.83 14.18
CA SER B 270 -13.12 3.71 15.53
C SER B 270 -14.16 2.60 15.50
N VAL B 271 -14.22 1.78 16.55
CA VAL B 271 -15.21 0.70 16.61
C VAL B 271 -15.78 0.67 18.01
N ASP B 272 -17.06 0.36 18.10
CA ASP B 272 -17.69 0.22 19.38
C ASP B 272 -18.66 -0.97 19.35
N GLY B 273 -19.16 -1.34 20.53
CA GLY B 273 -20.00 -2.50 20.73
C GLY B 273 -19.62 -3.20 22.01
N GLN B 274 -20.55 -4.01 22.52
CA GLN B 274 -20.31 -4.78 23.71
C GLN B 274 -21.15 -6.06 23.64
N PRO B 275 -20.52 -7.25 23.63
CA PRO B 275 -19.10 -7.63 23.62
C PRO B 275 -18.27 -6.91 22.54
N ALA B 276 -16.98 -6.64 22.78
CA ALA B 276 -16.15 -5.92 21.79
C ALA B 276 -16.18 -6.62 20.43
N PRO B 277 -16.35 -5.92 19.33
CA PRO B 277 -16.40 -6.60 18.04
C PRO B 277 -15.04 -7.12 17.58
N SER B 278 -15.09 -8.26 16.89
CA SER B 278 -13.98 -8.76 16.08
C SER B 278 -13.95 -7.97 14.79
N LEU B 279 -12.73 -7.72 14.29
CA LEU B 279 -12.53 -6.85 13.15
C LEU B 279 -11.91 -7.62 11.99
N ARG B 280 -12.35 -7.30 10.77
CA ARG B 280 -11.79 -7.90 9.57
C ARG B 280 -11.82 -6.88 8.43
N TRP B 281 -10.66 -6.65 7.80
CA TRP B 281 -10.57 -5.76 6.65
C TRP B 281 -10.82 -6.55 5.38
N LEU B 282 -11.51 -5.93 4.42
CA LEU B 282 -11.57 -6.37 3.04
C LEU B 282 -10.93 -5.30 2.18
N PHE B 283 -10.29 -5.72 1.10
CA PHE B 283 -9.79 -4.82 0.06
C PHE B 283 -10.50 -5.23 -1.22
N ASN B 284 -11.27 -4.30 -1.78
CA ASN B 284 -12.09 -4.58 -2.96
C ASN B 284 -12.89 -5.87 -2.82
N GLY B 285 -13.45 -6.08 -1.63
CA GLY B 285 -14.35 -7.20 -1.39
C GLY B 285 -13.67 -8.52 -1.02
N SER B 286 -12.34 -8.60 -1.07
CA SER B 286 -11.62 -9.82 -0.67
C SER B 286 -10.95 -9.59 0.68
N VAL B 287 -10.87 -10.66 1.49
CA VAL B 287 -10.21 -10.51 2.79
C VAL B 287 -8.81 -9.99 2.56
N LEU B 288 -8.46 -8.95 3.31
CA LEU B 288 -7.15 -8.33 3.16
C LEU B 288 -6.13 -9.16 3.94
N ASN B 289 -4.99 -9.40 3.31
CA ASN B 289 -3.95 -10.26 3.89
C ASN B 289 -3.11 -9.34 4.77
N GLU B 290 -3.21 -9.50 6.09
CA GLU B 290 -2.37 -8.66 6.96
C GLU B 290 -0.94 -9.22 6.98
N THR B 291 0.05 -8.35 6.76
CA THR B 291 1.45 -8.74 6.60
C THR B 291 2.32 -7.87 7.50
N SER B 292 3.65 -7.98 7.33
CA SER B 292 4.55 -7.08 8.03
C SER B 292 4.35 -5.63 7.62
N PHE B 293 3.79 -5.38 6.43
CA PHE B 293 3.70 -4.03 5.93
C PHE B 293 2.30 -3.45 5.91
N ILE B 294 1.27 -4.28 6.04
CA ILE B 294 -0.12 -3.81 6.05
C ILE B 294 -0.78 -4.53 7.22
N PHE B 295 -1.06 -3.79 8.30
CA PHE B 295 -1.56 -4.45 9.51
C PHE B 295 -2.39 -3.50 10.35
N THR B 296 -3.26 -4.10 11.18
CA THR B 296 -4.10 -3.34 12.09
C THR B 296 -3.33 -3.05 13.38
N GLU B 297 -3.38 -1.82 13.84
CA GLU B 297 -2.82 -1.47 15.14
C GLU B 297 -3.79 -0.57 15.91
N PHE B 298 -4.02 -0.91 17.17
CA PHE B 298 -4.97 -0.21 18.03
C PHE B 298 -4.29 0.84 18.91
N LEU B 299 -4.99 1.94 19.15
CA LEU B 299 -4.62 2.79 20.25
C LEU B 299 -4.97 2.10 21.58
N GLU B 300 -4.23 2.45 22.62
CA GLU B 300 -4.50 1.87 23.93
C GLU B 300 -5.95 2.12 24.32
N PRO B 301 -6.63 1.15 24.93
CA PRO B 301 -8.03 1.37 25.33
C PRO B 301 -8.13 2.35 26.49
N ALA B 302 -9.29 3.00 26.60
CA ALA B 302 -9.56 3.89 27.73
C ALA B 302 -10.46 3.17 28.73
N ALA B 303 -10.19 3.37 30.02
CA ALA B 303 -10.95 2.66 31.05
C ALA B 303 -12.39 3.13 31.11
N ASN B 304 -12.65 4.39 30.78
CA ASN B 304 -13.96 5.01 30.97
C ASN B 304 -14.89 4.86 29.77
N GLU B 305 -14.53 4.07 28.75
CA GLU B 305 -15.38 3.96 27.57
C GLU B 305 -15.10 2.66 26.83
N THR B 306 -16.08 2.22 26.03
CA THR B 306 -15.94 0.97 25.32
C THR B 306 -15.39 1.13 23.91
N VAL B 307 -15.50 2.33 23.33
CA VAL B 307 -15.03 2.53 21.95
C VAL B 307 -13.51 2.25 21.88
N ARG B 308 -13.05 1.71 20.77
CA ARG B 308 -11.62 1.51 20.50
C ARG B 308 -11.27 2.19 19.18
N HIS B 309 -10.02 2.66 19.08
CA HIS B 309 -9.56 3.37 17.88
C HIS B 309 -8.26 2.74 17.42
N GLY B 310 -7.94 2.94 16.15
CA GLY B 310 -6.67 2.47 15.66
C GLY B 310 -6.49 2.86 14.21
N CYS B 311 -5.59 2.14 13.55
CA CYS B 311 -5.20 2.36 12.17
C CYS B 311 -5.15 1.03 11.46
N LEU B 312 -5.45 1.08 10.17
CA LEU B 312 -4.81 0.15 9.24
C LEU B 312 -3.50 0.85 8.89
N ARG B 313 -2.38 0.26 9.28
CA ARG B 313 -1.09 0.86 8.97
C ARG B 313 -0.56 0.30 7.67
N LEU B 314 -0.03 1.16 6.81
CA LEU B 314 0.55 0.65 5.57
C LEU B 314 1.95 1.22 5.42
N ASN B 315 2.95 0.34 5.42
CA ASN B 315 4.36 0.71 5.27
C ASN B 315 4.71 0.61 3.79
N GLN B 316 4.96 1.74 3.12
CA GLN B 316 5.37 1.88 1.72
C GLN B 316 4.39 1.21 0.74
N PRO B 317 3.10 1.58 0.76
CA PRO B 317 2.14 1.00 -0.19
C PRO B 317 2.42 1.48 -1.61
N THR B 318 1.88 0.75 -2.58
CA THR B 318 2.02 1.13 -3.99
C THR B 318 0.63 1.29 -4.59
N HIS B 319 0.59 1.56 -5.90
CA HIS B 319 -0.70 1.74 -6.57
C HIS B 319 -1.53 0.47 -6.51
N VAL B 320 -0.90 -0.70 -6.36
CA VAL B 320 -1.73 -1.90 -6.22
C VAL B 320 -2.56 -1.88 -4.95
N ASN B 321 -2.22 -1.05 -3.95
CA ASN B 321 -3.03 -0.91 -2.74
C ASN B 321 -4.07 0.19 -2.86
N ASN B 322 -4.19 0.86 -4.03
CA ASN B 322 -5.28 1.81 -4.25
C ASN B 322 -6.59 1.05 -4.37
N GLY B 323 -7.59 1.43 -3.57
CA GLY B 323 -8.91 0.84 -3.78
C GLY B 323 -9.81 1.01 -2.54
N ASN B 324 -10.76 0.09 -2.41
CA ASN B 324 -11.85 0.21 -1.45
C ASN B 324 -11.51 -0.63 -0.21
N TYR B 325 -11.20 0.05 0.90
CA TYR B 325 -10.93 -0.60 2.18
C TYR B 325 -12.23 -0.65 2.99
N THR B 326 -12.65 -1.86 3.34
CA THR B 326 -13.86 -2.07 4.12
C THR B 326 -13.49 -2.69 5.46
N LEU B 327 -13.95 -2.07 6.56
CA LEU B 327 -13.69 -2.62 7.88
C LEU B 327 -14.99 -3.23 8.40
N LEU B 328 -14.97 -4.54 8.62
CA LEU B 328 -16.10 -5.29 9.20
C LEU B 328 -15.89 -5.39 10.71
N ALA B 329 -16.94 -5.12 11.45
CA ALA B 329 -16.87 -5.20 12.90
C ALA B 329 -18.07 -6.02 13.38
N ALA B 330 -17.82 -7.17 13.98
CA ALA B 330 -18.99 -8.01 14.29
C ALA B 330 -18.96 -8.46 15.74
N ASN B 331 -20.14 -8.47 16.35
CA ASN B 331 -20.25 -9.03 17.70
C ASN B 331 -21.58 -9.78 17.73
N PRO B 332 -22.08 -10.30 18.89
CA PRO B 332 -23.31 -11.13 18.81
C PRO B 332 -24.52 -10.50 18.13
N PHE B 333 -24.57 -9.18 17.99
CA PHE B 333 -25.72 -8.54 17.38
C PHE B 333 -25.68 -8.60 15.87
N GLY B 334 -24.54 -8.98 15.29
CA GLY B 334 -24.33 -9.01 13.86
C GLY B 334 -23.13 -8.17 13.49
N GLN B 335 -22.99 -7.93 12.19
CA GLN B 335 -21.80 -7.33 11.62
C GLN B 335 -22.11 -5.95 11.10
N ALA B 336 -21.37 -4.95 11.55
CA ALA B 336 -21.45 -3.62 10.99
C ALA B 336 -20.30 -3.42 10.01
N SER B 337 -20.40 -2.40 9.16
CA SER B 337 -19.30 -2.22 8.23
C SER B 337 -19.19 -0.78 7.79
N ALA B 338 -17.99 -0.37 7.44
CA ALA B 338 -17.75 0.95 6.87
C ALA B 338 -16.68 0.79 5.79
N SER B 339 -16.71 1.65 4.78
CA SER B 339 -15.82 1.50 3.64
C SER B 339 -15.26 2.85 3.28
N ILE B 340 -14.08 2.84 2.68
CA ILE B 340 -13.49 4.11 2.27
C ILE B 340 -12.54 3.83 1.11
N MET B 341 -12.53 4.75 0.14
CA MET B 341 -11.54 4.72 -0.93
C MET B 341 -10.24 5.33 -0.44
N ALA B 342 -9.11 4.73 -0.84
CA ALA B 342 -7.81 5.25 -0.45
C ALA B 342 -6.87 5.03 -1.61
N ALA B 343 -6.13 6.08 -1.93
CA ALA B 343 -5.11 6.05 -2.97
C ALA B 343 -3.77 6.43 -2.35
N PHE B 344 -2.74 5.66 -2.68
CA PHE B 344 -1.46 5.83 -2.05
C PHE B 344 -0.37 6.27 -3.00
N MET B 345 -0.47 5.92 -4.27
CA MET B 345 0.57 6.23 -5.22
C MET B 345 -0.03 6.21 -6.62
N ASP B 346 0.40 7.17 -7.44
CA ASP B 346 -0.09 7.25 -8.81
C ASP B 346 0.20 5.99 -9.60
N ASN B 347 -0.66 5.75 -10.57
CA ASN B 347 -0.48 4.64 -11.47
C ASN B 347 0.73 4.88 -12.36
N PRO B 348 1.49 3.82 -12.69
CA PRO B 348 2.72 3.97 -13.49
C PRO B 348 2.45 4.33 -14.96
N ARG C 22 -1.58 -12.67 -6.70
CA ARG C 22 -0.51 -11.87 -7.28
C ARG C 22 -0.99 -10.83 -8.30
N ASP C 23 -0.48 -9.62 -8.12
CA ASP C 23 -0.88 -8.48 -8.93
C ASP C 23 -0.35 -8.56 -10.35
N GLU C 24 0.85 -9.12 -10.54
CA GLU C 24 1.36 -9.23 -11.90
C GLU C 24 0.49 -10.18 -12.72
N ILE C 25 0.02 -11.29 -12.14
CA ILE C 25 -0.83 -12.22 -12.88
C ILE C 25 -2.15 -11.57 -13.26
N LYS C 26 -2.75 -10.82 -12.32
CA LYS C 26 -4.02 -10.19 -12.59
C LYS C 26 -3.89 -9.19 -13.74
N GLU C 27 -2.80 -8.42 -13.74
CA GLU C 27 -2.60 -7.48 -14.85
C GLU C 27 -2.41 -8.22 -16.18
N ARG C 28 -1.75 -9.39 -16.16
CA ARG C 28 -1.56 -10.17 -17.40
C ARG C 28 -2.89 -10.73 -17.93
N ILE C 29 -3.75 -11.23 -17.03
CA ILE C 29 -5.07 -11.67 -17.47
C ILE C 29 -5.87 -10.48 -18.00
N PHE C 30 -5.82 -9.35 -17.27
CA PHE C 30 -6.50 -8.12 -17.68
C PHE C 30 -6.10 -7.72 -19.09
N LYS C 31 -4.81 -7.65 -19.36
CA LYS C 31 -4.35 -7.25 -20.69
C LYS C 31 -4.72 -8.27 -21.75
N ALA C 32 -4.72 -9.57 -21.43
CA ALA C 32 -5.10 -10.55 -22.45
C ALA C 32 -6.57 -10.40 -22.82
N VAL C 33 -7.41 -10.16 -21.83
CA VAL C 33 -8.83 -10.01 -22.12
C VAL C 33 -9.08 -8.72 -22.96
N VAL C 34 -8.44 -7.61 -22.61
CA VAL C 34 -8.63 -6.39 -23.41
C VAL C 34 -8.18 -6.63 -24.86
N ARG C 35 -7.04 -7.30 -25.03
CA ARG C 35 -6.53 -7.60 -26.37
C ARG C 35 -7.52 -8.44 -27.16
N ALA C 36 -8.11 -9.45 -26.53
CA ALA C 36 -9.11 -10.26 -27.22
C ALA C 36 -10.32 -9.41 -27.60
N ILE C 37 -10.76 -8.51 -26.72
CA ILE C 37 -11.90 -7.66 -27.06
C ILE C 37 -11.56 -6.76 -28.26
N VAL C 38 -10.45 -6.03 -28.18
CA VAL C 38 -10.19 -5.01 -29.20
C VAL C 38 -9.63 -5.59 -30.49
N THR C 39 -9.07 -6.80 -30.46
CA THR C 39 -8.65 -7.40 -31.72
C THR C 39 -9.63 -8.44 -32.24
N GLY C 40 -10.57 -8.90 -31.41
CA GLY C 40 -11.41 -10.00 -31.81
C GLY C 40 -10.72 -11.34 -31.89
N ASN C 41 -9.53 -11.47 -31.30
CA ASN C 41 -8.78 -12.72 -31.40
C ASN C 41 -8.93 -13.54 -30.14
N PRO C 42 -9.68 -14.65 -30.17
CA PRO C 42 -9.86 -15.46 -28.95
C PRO C 42 -8.62 -16.23 -28.53
N GLU C 43 -7.58 -16.27 -29.36
CA GLU C 43 -6.33 -16.91 -28.94
C GLU C 43 -5.81 -16.30 -27.64
N GLN C 44 -5.97 -14.98 -27.49
CA GLN C 44 -5.58 -14.32 -26.25
CA GLN C 44 -5.58 -14.32 -26.25
C GLN C 44 -6.34 -14.85 -25.04
N LEU C 45 -7.52 -15.46 -25.24
CA LEU C 45 -8.30 -15.92 -24.11
C LEU C 45 -7.78 -17.22 -23.52
N LYS C 46 -7.05 -18.03 -24.31
CA LYS C 46 -6.48 -19.25 -23.75
C LYS C 46 -5.38 -18.94 -22.73
N GLU C 47 -4.62 -17.88 -23.00
CA GLU C 47 -3.60 -17.43 -22.05
C GLU C 47 -4.25 -16.89 -20.79
N ALA C 48 -5.33 -16.13 -20.92
CA ALA C 48 -6.01 -15.61 -19.75
C ALA C 48 -6.50 -16.74 -18.85
N LYS C 49 -7.00 -17.83 -19.45
CA LYS C 49 -7.51 -18.97 -18.70
C LYS C 49 -6.39 -19.68 -17.93
N LYS C 50 -5.25 -19.91 -18.60
CA LYS C 50 -4.15 -20.58 -17.93
C LYS C 50 -3.60 -19.71 -16.80
N LEU C 51 -3.49 -18.41 -17.02
CA LEU C 51 -3.07 -17.53 -15.95
C LEU C 51 -4.10 -17.50 -14.82
N LEU C 52 -5.39 -17.59 -15.16
CA LEU C 52 -6.43 -17.57 -14.11
C LEU C 52 -6.31 -18.80 -13.19
N GLU C 53 -5.98 -19.97 -13.76
CA GLU C 53 -5.82 -21.16 -12.93
C GLU C 53 -4.62 -21.04 -12.02
N LYS C 54 -3.56 -20.36 -12.46
CA LYS C 54 -2.44 -20.08 -11.57
C LYS C 54 -2.84 -19.05 -10.51
N LEU C 55 -3.61 -18.02 -10.88
CA LEU C 55 -4.08 -17.06 -9.88
C LEU C 55 -4.89 -17.75 -8.78
N LYS C 56 -5.80 -18.65 -9.16
CA LYS C 56 -6.66 -19.32 -8.20
C LYS C 56 -5.84 -20.18 -7.25
N LYS C 57 -4.77 -20.80 -7.74
CA LYS C 57 -3.96 -21.62 -6.83
C LYS C 57 -3.25 -20.78 -5.79
N LEU C 58 -2.85 -19.55 -6.15
CA LEU C 58 -2.09 -18.70 -5.23
C LEU C 58 -2.94 -18.16 -4.09
N GLY C 59 -4.25 -18.05 -4.29
CA GLY C 59 -5.10 -17.47 -3.26
C GLY C 59 -6.56 -17.82 -3.47
N ARG C 60 -6.98 -18.94 -2.86
CA ARG C 60 -8.30 -19.51 -3.10
C ARG C 60 -9.44 -18.62 -2.61
N LEU C 61 -9.17 -17.64 -1.75
CA LEU C 61 -10.21 -16.77 -1.22
C LEU C 61 -10.35 -15.47 -2.00
N ASP C 62 -9.58 -15.31 -3.06
CA ASP C 62 -9.58 -14.06 -3.81
C ASP C 62 -10.92 -13.91 -4.51
N GLN C 63 -11.63 -12.81 -4.26
CA GLN C 63 -12.94 -12.66 -4.88
C GLN C 63 -12.85 -12.16 -6.31
N ASP C 64 -11.68 -11.70 -6.76
CA ASP C 64 -11.56 -11.23 -8.14
C ASP C 64 -11.56 -12.36 -9.14
N ALA C 65 -11.08 -13.56 -8.75
CA ALA C 65 -11.01 -14.66 -9.69
C ALA C 65 -12.37 -14.94 -10.34
N LYS C 66 -13.47 -14.88 -9.57
CA LYS C 66 -14.80 -15.04 -10.19
C LYS C 66 -15.05 -13.98 -11.25
N LYS C 67 -14.56 -12.76 -11.02
CA LYS C 67 -14.78 -11.70 -12.01
C LYS C 67 -13.98 -11.97 -13.28
N PHE C 68 -12.73 -12.40 -13.13
CA PHE C 68 -11.96 -12.79 -14.33
C PHE C 68 -12.62 -13.92 -15.07
N GLU C 69 -13.09 -14.95 -14.35
CA GLU C 69 -13.74 -16.06 -15.02
C GLU C 69 -14.96 -15.58 -15.80
N LYS C 70 -15.79 -14.75 -15.17
CA LYS C 70 -16.98 -14.24 -15.85
C LYS C 70 -16.59 -13.39 -17.06
N ALA C 71 -15.56 -12.56 -16.90
CA ALA C 71 -15.12 -11.70 -18.00
C ALA C 71 -14.66 -12.52 -19.19
N ILE C 72 -13.87 -13.57 -18.93
CA ILE C 72 -13.38 -14.45 -19.99
C ILE C 72 -14.54 -15.12 -20.71
N ARG C 73 -15.50 -15.62 -19.96
CA ARG C 73 -16.66 -16.26 -20.59
C ARG C 73 -17.45 -15.25 -21.39
N GLN C 74 -17.65 -14.04 -20.84
CA GLN C 74 -18.40 -13.01 -21.54
C GLN C 74 -17.72 -12.62 -22.85
N VAL C 75 -16.39 -12.57 -22.87
CA VAL C 75 -15.68 -12.22 -24.10
C VAL C 75 -15.77 -13.35 -25.11
N GLU C 76 -15.58 -14.59 -24.67
CA GLU C 76 -15.71 -15.72 -25.59
C GLU C 76 -17.11 -15.78 -26.20
N LYS C 77 -18.14 -15.39 -25.44
CA LYS C 77 -19.49 -15.45 -26.01
C LYS C 77 -19.64 -14.49 -27.19
N ARG C 78 -19.23 -13.23 -27.01
CA ARG C 78 -19.29 -12.27 -28.10
C ARG C 78 -18.46 -12.71 -29.30
N LEU C 79 -17.27 -13.27 -29.04
CA LEU C 79 -16.38 -13.62 -30.14
C LEU C 79 -16.90 -14.84 -30.92
N ARG C 80 -17.55 -15.79 -30.23
CA ARG C 80 -18.05 -16.98 -30.90
C ARG C 80 -19.31 -16.69 -31.70
N SER C 81 -20.25 -15.94 -31.12
CA SER C 81 -21.48 -15.59 -31.82
C SER C 81 -21.30 -14.30 -32.61
N ARG D 22 14.58 9.54 15.45
CA ARG D 22 14.26 8.57 16.49
C ARG D 22 12.86 7.96 16.34
N ASP D 23 12.85 6.62 16.44
CA ASP D 23 11.66 5.83 16.18
C ASP D 23 10.59 6.05 17.24
N GLU D 24 11.00 6.22 18.51
CA GLU D 24 10.02 6.44 19.57
C GLU D 24 9.29 7.77 19.40
N ILE D 25 10.02 8.80 18.96
CA ILE D 25 9.41 10.09 18.66
C ILE D 25 8.42 9.95 17.53
N LYS D 26 8.81 9.22 16.48
CA LYS D 26 7.91 9.04 15.35
C LYS D 26 6.61 8.33 15.78
N GLU D 27 6.72 7.29 16.62
CA GLU D 27 5.49 6.63 17.07
C GLU D 27 4.65 7.55 17.93
N ARG D 28 5.29 8.40 18.77
CA ARG D 28 4.51 9.33 19.59
C ARG D 28 3.77 10.36 18.72
N ILE D 29 4.43 10.88 17.67
CA ILE D 29 3.73 11.83 16.78
C ILE D 29 2.57 11.13 16.06
N PHE D 30 2.84 9.95 15.51
CA PHE D 30 1.83 9.15 14.85
C PHE D 30 0.61 8.97 15.74
N LYS D 31 0.83 8.54 16.99
CA LYS D 31 -0.30 8.30 17.87
C LYS D 31 -1.06 9.58 18.19
N ALA D 32 -0.34 10.69 18.33
CA ALA D 32 -1.01 11.96 18.61
C ALA D 32 -1.90 12.39 17.45
N VAL D 33 -1.43 12.16 16.23
CA VAL D 33 -2.21 12.54 15.05
C VAL D 33 -3.46 11.66 14.91
N VAL D 34 -3.30 10.35 15.08
CA VAL D 34 -4.44 9.46 14.98
C VAL D 34 -5.48 9.81 16.05
N ARG D 35 -5.03 10.06 17.28
CA ARG D 35 -5.94 10.44 18.36
C ARG D 35 -6.72 11.68 17.99
N ALA D 36 -6.05 12.67 17.39
CA ALA D 36 -6.75 13.88 17.01
C ALA D 36 -7.82 13.60 15.95
N ILE D 37 -7.50 12.74 14.99
CA ILE D 37 -8.45 12.42 13.93
C ILE D 37 -9.68 11.74 14.52
N VAL D 38 -9.47 10.68 15.29
CA VAL D 38 -10.59 9.86 15.72
C VAL D 38 -11.37 10.49 16.85
N THR D 39 -10.77 11.45 17.57
CA THR D 39 -11.50 12.14 18.62
C THR D 39 -11.95 13.53 18.21
N GLY D 40 -11.42 14.05 17.12
CA GLY D 40 -11.73 15.41 16.76
C GLY D 40 -11.18 16.43 17.70
N ASN D 41 -10.21 16.06 18.54
CA ASN D 41 -9.68 16.97 19.53
C ASN D 41 -8.33 17.51 19.06
N PRO D 42 -8.24 18.79 18.68
CA PRO D 42 -6.96 19.33 18.22
C PRO D 42 -5.93 19.55 19.32
N GLU D 43 -6.31 19.41 20.59
CA GLU D 43 -5.32 19.51 21.65
C GLU D 43 -4.19 18.53 21.43
N GLN D 44 -4.50 17.35 20.92
CA GLN D 44 -3.49 16.35 20.63
C GLN D 44 -2.45 16.86 19.62
N LEU D 45 -2.82 17.82 18.77
CA LEU D 45 -1.91 18.28 17.72
C LEU D 45 -0.84 19.24 18.22
N LYS D 46 -1.07 19.94 19.33
CA LYS D 46 0.00 20.81 19.84
C LYS D 46 1.17 19.96 20.30
N GLU D 47 0.88 18.80 20.86
CA GLU D 47 1.94 17.88 21.28
C GLU D 47 2.68 17.30 20.08
N ALA D 48 1.95 16.95 19.01
CA ALA D 48 2.57 16.42 17.82
C ALA D 48 3.59 17.40 17.23
N LYS D 49 3.25 18.70 17.24
CA LYS D 49 4.12 19.73 16.70
C LYS D 49 5.42 19.86 17.50
N LYS D 50 5.32 19.90 18.83
CA LYS D 50 6.53 20.00 19.64
C LYS D 50 7.40 18.77 19.44
N LEU D 51 6.79 17.58 19.35
CA LEU D 51 7.55 16.37 19.08
C LEU D 51 8.16 16.38 17.68
N LEU D 52 7.46 16.95 16.70
CA LEU D 52 8.04 17.05 15.37
C LEU D 52 9.28 17.94 15.37
N GLU D 53 9.25 19.01 16.15
CA GLU D 53 10.42 19.90 16.16
C GLU D 53 11.62 19.20 16.79
N LYS D 54 11.39 18.34 17.80
CA LYS D 54 12.50 17.57 18.35
C LYS D 54 12.99 16.51 17.37
N LEU D 55 12.07 15.86 16.65
CA LEU D 55 12.49 14.90 15.62
C LEU D 55 13.42 15.57 14.61
N LYS D 56 13.07 16.79 14.17
CA LYS D 56 13.84 17.45 13.12
C LYS D 56 15.27 17.73 13.57
N LYS D 57 15.44 18.11 14.85
CA LYS D 57 16.77 18.41 15.35
C LYS D 57 17.65 17.17 15.37
N LEU D 58 17.06 15.98 15.62
CA LEU D 58 17.87 14.76 15.71
C LEU D 58 18.38 14.30 14.35
N GLY D 59 17.72 14.67 13.26
CA GLY D 59 18.13 14.22 11.94
C GLY D 59 17.52 15.07 10.84
N ARG D 60 18.24 16.14 10.49
CA ARG D 60 17.72 17.13 9.54
C ARG D 60 17.50 16.54 8.15
N LEU D 61 18.09 15.39 7.84
CA LEU D 61 17.93 14.82 6.51
C LEU D 61 16.79 13.82 6.42
N ASP D 62 16.08 13.59 7.52
CA ASP D 62 15.03 12.58 7.53
C ASP D 62 13.87 13.06 6.66
N GLN D 63 13.48 12.22 5.69
CA GLN D 63 12.43 12.60 4.78
C GLN D 63 11.05 12.36 5.35
N ASP D 64 10.92 11.68 6.49
CA ASP D 64 9.59 11.50 7.06
C ASP D 64 9.07 12.80 7.69
N ALA D 65 9.98 13.70 8.12
CA ALA D 65 9.54 14.92 8.80
C ALA D 65 8.54 15.72 7.97
N LYS D 66 8.77 15.85 6.65
CA LYS D 66 7.83 16.57 5.82
C LYS D 66 6.46 15.91 5.85
N LYS D 67 6.43 14.58 5.92
CA LYS D 67 5.15 13.87 5.92
C LYS D 67 4.37 14.16 7.18
N PHE D 68 5.05 14.15 8.33
CA PHE D 68 4.42 14.55 9.60
C PHE D 68 3.94 15.98 9.56
N GLU D 69 4.75 16.88 8.98
CA GLU D 69 4.32 18.26 8.90
C GLU D 69 3.04 18.37 8.10
N LYS D 70 2.99 17.73 6.93
CA LYS D 70 1.80 17.82 6.10
C LYS D 70 0.60 17.16 6.78
N ALA D 71 0.82 16.00 7.42
CA ALA D 71 -0.28 15.28 8.10
C ALA D 71 -0.89 16.13 9.19
N ILE D 72 -0.06 16.74 10.03
CA ILE D 72 -0.54 17.62 11.09
C ILE D 72 -1.32 18.79 10.49
N ARG D 73 -0.76 19.41 9.45
CA ARG D 73 -1.45 20.52 8.81
C ARG D 73 -2.78 20.05 8.18
N GLN D 74 -2.77 18.90 7.52
CA GLN D 74 -3.97 18.35 6.89
C GLN D 74 -5.05 18.07 7.94
N VAL D 75 -4.66 17.55 9.10
CA VAL D 75 -5.64 17.27 10.14
C VAL D 75 -6.19 18.56 10.72
N GLU D 76 -5.33 19.55 10.93
CA GLU D 76 -5.80 20.85 11.43
C GLU D 76 -6.82 21.47 10.48
N LYS D 77 -6.65 21.27 9.17
CA LYS D 77 -7.63 21.77 8.21
C LYS D 77 -8.98 21.08 8.41
N ARG D 78 -8.98 19.74 8.54
CA ARG D 78 -10.23 19.01 8.74
C ARG D 78 -10.98 19.53 9.97
N LEU D 79 -10.26 19.77 11.07
CA LEU D 79 -10.87 20.15 12.33
C LEU D 79 -11.37 21.59 12.33
N ARG D 80 -10.70 22.48 11.60
CA ARG D 80 -11.05 23.91 11.56
C ARG D 80 -12.30 24.17 10.72
#